data_4EM3
#
_entry.id   4EM3
#
_cell.length_a   76.535
_cell.length_b   64.782
_cell.length_c   94.612
_cell.angle_alpha   90.00
_cell.angle_beta   104.69
_cell.angle_gamma   90.00
#
_symmetry.space_group_name_H-M   'P 1 21 1'
#
loop_
_entity.id
_entity.type
_entity.pdbx_description
1 polymer 'Coenzyme A disulfide reductase'
2 non-polymer 'FLAVIN-ADENINE DINUCLEOTIDE'
3 non-polymer 'MAGNESIUM ION'
4 non-polymer 'CHLORIDE ION'
5 non-polymer '[[(2R,3S,4R,5R)-5-(6-aminopurin-9-yl)-4-oxidanyl-3-phosphonooxy-oxolan-2-yl]methoxy-oxidanyl-phosphoryl] [(3R)-2,2-dimethyl-4-[[3-(4-methylsulfonylbutylamino)-3-oxidanylidene-propyl]amino]-3-oxidanyl-4-oxidanylidene-butyl] hydrogen phosphate'
6 water water
#
_entity_poly.entity_id   1
_entity_poly.type   'polypeptide(L)'
_entity_poly.pdbx_seq_one_letter_code
;PKIVVVGAVAGGATCASQIRRLDKESDIIIFEKDRDMSFANCALPYVIGEVVEDRRYALAYTPEKFYDRKQITVKTYHEV
IAINDERQTVSVLNRKTNEQFEESYDKLILSPGASANSLGFESDITFTLRNLEDTDAIDQFIKANQVDKVLVVGAGYVSL
EVLENLYERGLHPTLIHRSDKINKLMDADMNQPILDELDKREIPYRLNEEINAINGNEITFKSGKVEHYDMIIEGVGTHP
NSKFIESSNIKLDRKGFIPVNDKFETNVPNIYAIGDIATSHYRHVDLPASVPLAWGAHRAASIVAEQIAGNDTIEFKGFL
GNNIVKFFDYTFASVGVKPNELKQFDYKMVEVTQGAHANYYPGNSPLHLRVYYDTSNRQILRAAAVGKEGADKRIDVLSM
AMMNQLTVDELTEFEVAYAPPYSHPKDLINMIGYKAK
;
_entity_poly.pdbx_strand_id   A,B
#
# COMPACT_ATOMS: atom_id res chain seq x y z
N PRO A 1 19.56 10.56 -34.17
CA PRO A 1 19.07 11.91 -34.49
C PRO A 1 19.70 12.92 -33.55
N LYS A 2 19.87 14.16 -34.00
CA LYS A 2 20.27 15.17 -33.04
C LYS A 2 19.04 15.58 -32.24
N ILE A 3 19.17 15.49 -30.92
CA ILE A 3 18.06 15.69 -30.00
C ILE A 3 18.31 16.93 -29.17
N VAL A 4 17.36 17.87 -29.20
CA VAL A 4 17.44 19.04 -28.34
C VAL A 4 16.32 19.00 -27.31
N VAL A 5 16.66 19.24 -26.05
CA VAL A 5 15.67 19.19 -24.98
C VAL A 5 15.61 20.56 -24.32
N VAL A 6 14.41 21.04 -24.05
CA VAL A 6 14.23 22.32 -23.37
C VAL A 6 13.78 22.11 -21.94
N GLY A 7 14.65 22.43 -20.99
CA GLY A 7 14.36 22.21 -19.58
C GLY A 7 15.10 20.98 -19.08
N ALA A 8 15.79 21.09 -17.96
CA ALA A 8 16.68 20.02 -17.52
C ALA A 8 16.35 19.45 -16.16
N VAL A 9 15.06 19.24 -15.90
CA VAL A 9 14.66 18.68 -14.60
C VAL A 9 13.78 17.43 -14.78
N ALA A 10 12.54 17.46 -14.32
CA ALA A 10 11.81 16.20 -14.14
C ALA A 10 11.54 15.49 -15.46
N GLY A 11 10.99 16.21 -16.42
CA GLY A 11 10.79 15.66 -17.75
C GLY A 11 12.05 15.61 -18.59
N GLY A 12 12.77 16.73 -18.66
CA GLY A 12 13.84 16.90 -19.64
C GLY A 12 15.11 16.08 -19.39
N ALA A 13 15.62 16.14 -18.16
CA ALA A 13 16.82 15.40 -17.79
C ALA A 13 16.51 13.91 -17.81
N THR A 14 15.32 13.56 -17.33
CA THR A 14 14.88 12.18 -17.31
C THR A 14 14.75 11.65 -18.74
N CYS A 15 14.13 12.43 -19.62
CA CYS A 15 13.93 11.97 -20.98
C CYS A 15 15.27 11.76 -21.70
N ALA A 16 16.18 12.72 -21.54
CA ALA A 16 17.52 12.64 -22.10
C ALA A 16 18.27 11.38 -21.64
N SER A 17 18.22 11.13 -20.34
CA SER A 17 18.83 9.93 -19.77
C SER A 17 18.23 8.65 -20.35
N GLN A 18 16.90 8.63 -20.46
CA GLN A 18 16.21 7.45 -20.97
C GLN A 18 16.54 7.19 -22.44
N ILE A 19 16.68 8.27 -23.22
CA ILE A 19 17.13 8.15 -24.61
C ILE A 19 18.55 7.57 -24.70
N ARG A 20 19.47 8.06 -23.86
CA ARG A 20 20.85 7.59 -23.89
C ARG A 20 20.94 6.10 -23.58
N ARG A 21 20.09 5.63 -22.66
CA ARG A 21 20.03 4.19 -22.33
C ARG A 21 19.86 3.36 -23.58
N LEU A 22 19.11 3.88 -24.54
CA LEU A 22 18.75 3.14 -25.75
C LEU A 22 19.63 3.48 -26.93
N ASP A 23 20.20 4.68 -26.90
CA ASP A 23 20.90 5.22 -28.06
C ASP A 23 22.20 5.83 -27.59
N LYS A 24 23.31 5.19 -27.94
CA LYS A 24 24.61 5.63 -27.46
C LYS A 24 25.30 6.50 -28.50
N GLU A 25 24.67 6.68 -29.66
CA GLU A 25 25.33 7.40 -30.74
C GLU A 25 24.88 8.84 -30.87
N SER A 26 23.58 9.06 -30.70
CA SER A 26 23.00 10.37 -30.94
C SER A 26 23.55 11.45 -30.02
N ASP A 27 23.65 12.64 -30.58
CA ASP A 27 24.07 13.82 -29.85
CA ASP A 27 24.07 13.80 -29.81
C ASP A 27 22.85 14.38 -29.13
N ILE A 28 22.95 14.60 -27.83
CA ILE A 28 21.85 15.14 -27.07
C ILE A 28 22.31 16.38 -26.29
N ILE A 29 21.60 17.48 -26.48
CA ILE A 29 21.88 18.70 -25.75
C ILE A 29 20.62 19.22 -25.04
N ILE A 30 20.78 19.61 -23.78
CA ILE A 30 19.67 20.16 -23.02
C ILE A 30 19.96 21.61 -22.71
N PHE A 31 18.94 22.46 -22.86
CA PHE A 31 19.05 23.86 -22.49
C PHE A 31 18.22 24.13 -21.24
N GLU A 32 18.85 24.71 -20.23
CA GLU A 32 18.17 25.04 -18.99
C GLU A 32 18.39 26.49 -18.68
N LYS A 33 17.30 27.23 -18.50
CA LYS A 33 17.42 28.68 -18.41
C LYS A 33 18.06 29.14 -17.11
N ASP A 34 17.96 28.33 -16.06
CA ASP A 34 18.47 28.73 -14.76
C ASP A 34 19.80 28.06 -14.40
N ARG A 35 20.22 28.24 -13.15
CA ARG A 35 21.52 27.78 -12.71
C ARG A 35 21.65 26.26 -12.62
N ASP A 36 20.60 25.59 -12.13
CA ASP A 36 20.72 24.20 -11.75
C ASP A 36 19.91 23.25 -12.64
N MET A 37 20.52 22.12 -12.98
CA MET A 37 19.77 21.02 -13.60
C MET A 37 19.47 19.99 -12.51
N SER A 38 18.45 19.16 -12.77
CA SER A 38 18.19 18.02 -11.93
C SER A 38 18.11 18.36 -10.44
N PHE A 39 17.54 19.49 -10.08
CA PHE A 39 17.30 19.72 -8.67
C PHE A 39 16.07 18.90 -8.28
N ALA A 40 15.95 18.64 -6.98
CA ALA A 40 14.83 17.86 -6.50
C ALA A 40 13.70 18.80 -6.10
N ASN A 41 12.86 19.20 -7.07
CA ASN A 41 11.76 20.14 -6.76
C ASN A 41 10.98 19.73 -5.53
N CYS A 42 10.75 18.43 -5.40
CA CYS A 42 9.93 17.89 -4.34
C CYS A 42 10.55 17.96 -2.95
N ALA A 43 11.86 18.09 -2.91
CA ALA A 43 12.61 18.13 -1.67
C ALA A 43 12.67 19.54 -1.10
N LEU A 44 12.39 20.53 -1.96
CA LEU A 44 12.58 21.94 -1.62
C LEU A 44 11.91 22.42 -0.33
N PRO A 45 10.65 22.03 -0.07
CA PRO A 45 10.05 22.44 1.20
C PRO A 45 10.83 21.89 2.40
N TYR A 46 11.35 20.68 2.25
CA TYR A 46 12.09 20.03 3.33
C TYR A 46 13.49 20.63 3.52
N VAL A 47 14.00 21.29 2.48
CA VAL A 47 15.25 22.05 2.63
C VAL A 47 15.03 23.28 3.50
N ILE A 48 13.97 24.03 3.20
CA ILE A 48 13.56 25.14 4.03
C ILE A 48 13.34 24.71 5.47
N GLY A 49 12.82 23.51 5.67
CA GLY A 49 12.55 23.00 6.99
C GLY A 49 13.79 22.46 7.69
N GLU A 50 14.90 22.48 6.95
CA GLU A 50 16.19 21.98 7.44
C GLU A 50 16.13 20.50 7.79
N VAL A 51 15.09 19.85 7.29
CA VAL A 51 14.95 18.40 7.39
C VAL A 51 16.00 17.80 6.48
N VAL A 52 16.21 18.45 5.35
CA VAL A 52 17.29 18.08 4.46
C VAL A 52 18.38 19.14 4.54
N GLU A 53 19.46 18.79 5.22
CA GLU A 53 20.53 19.72 5.50
C GLU A 53 21.66 19.66 4.48
N ASP A 54 21.67 18.60 3.69
CA ASP A 54 22.78 18.40 2.77
C ASP A 54 22.38 18.50 1.29
N ARG A 55 23.03 19.44 0.61
CA ARG A 55 22.70 19.81 -0.76
C ARG A 55 22.77 18.68 -1.77
N ARG A 56 23.53 17.63 -1.47
CA ARG A 56 23.64 16.49 -2.38
C ARG A 56 22.26 15.90 -2.60
N TYR A 57 21.41 16.03 -1.58
CA TYR A 57 20.02 15.59 -1.65
C TYR A 57 19.14 16.49 -2.52
N ALA A 58 19.52 17.76 -2.65
CA ALA A 58 18.71 18.74 -3.36
C ALA A 58 19.12 18.86 -4.83
N LEU A 59 20.25 18.26 -5.16
CA LEU A 59 20.81 18.34 -6.49
C LEU A 59 21.33 16.97 -6.87
N ALA A 60 20.83 16.42 -7.96
CA ALA A 60 21.17 15.05 -8.31
C ALA A 60 22.30 14.96 -9.31
N TYR A 61 22.49 16.02 -10.09
CA TYR A 61 23.52 16.05 -11.11
C TYR A 61 24.03 17.45 -11.36
N THR A 62 25.24 17.53 -11.92
CA THR A 62 25.79 18.76 -12.48
C THR A 62 25.95 18.50 -13.96
N PRO A 63 26.00 19.57 -14.77
CA PRO A 63 26.29 19.40 -16.19
C PRO A 63 27.55 18.56 -16.38
N GLU A 64 28.55 18.80 -15.55
CA GLU A 64 29.83 18.09 -15.67
C GLU A 64 29.68 16.59 -15.43
N LYS A 65 28.93 16.22 -14.39
CA LYS A 65 28.75 14.80 -14.09
C LYS A 65 27.88 14.15 -15.13
N PHE A 66 26.90 14.90 -15.60
CA PHE A 66 25.95 14.40 -16.58
C PHE A 66 26.68 14.06 -17.86
N TYR A 67 27.72 14.82 -18.16
CA TYR A 67 28.49 14.53 -19.34
C TYR A 67 29.45 13.34 -19.14
N ASP A 68 30.12 13.29 -17.99
CA ASP A 68 31.06 12.19 -17.73
C ASP A 68 30.34 10.85 -17.72
N ARG A 69 29.16 10.84 -17.12
CA ARG A 69 28.42 9.59 -16.93
C ARG A 69 27.49 9.24 -18.10
N LYS A 70 26.95 10.24 -18.78
CA LYS A 70 25.90 9.99 -19.78
C LYS A 70 26.21 10.54 -21.18
N GLN A 71 27.26 11.34 -21.29
CA GLN A 71 27.64 11.99 -22.56
C GLN A 71 26.51 12.81 -23.17
N ILE A 72 25.81 13.53 -22.30
CA ILE A 72 24.77 14.46 -22.70
C ILE A 72 25.25 15.86 -22.33
N THR A 73 25.08 16.82 -23.23
CA THR A 73 25.57 18.17 -22.98
C THR A 73 24.48 19.02 -22.36
N VAL A 74 24.74 19.53 -21.17
CA VAL A 74 23.77 20.41 -20.55
C VAL A 74 24.34 21.81 -20.41
N LYS A 75 23.64 22.78 -20.99
CA LYS A 75 24.04 24.16 -20.91
C LYS A 75 23.09 24.92 -20.02
N THR A 76 23.56 25.26 -18.82
CA THR A 76 22.75 26.06 -17.91
C THR A 76 22.86 27.55 -18.22
N TYR A 77 21.99 28.33 -17.59
CA TYR A 77 21.83 29.75 -17.89
C TYR A 77 21.69 29.98 -19.39
N HIS A 78 21.00 29.06 -20.05
CA HIS A 78 20.71 29.19 -21.47
C HIS A 78 19.21 29.08 -21.66
N GLU A 79 18.60 30.19 -22.07
CA GLU A 79 17.16 30.21 -22.22
C GLU A 79 16.75 30.12 -23.68
N VAL A 80 15.92 29.12 -24.00
CA VAL A 80 15.35 29.02 -25.34
C VAL A 80 14.27 30.10 -25.49
N ILE A 81 14.43 30.95 -26.50
CA ILE A 81 13.57 32.11 -26.62
C ILE A 81 12.63 32.03 -27.83
N ALA A 82 12.93 31.10 -28.72
CA ALA A 82 12.04 30.87 -29.87
C ALA A 82 12.22 29.49 -30.45
N ILE A 83 11.16 28.99 -31.08
CA ILE A 83 11.21 27.74 -31.79
C ILE A 83 11.03 28.04 -33.28
N ASN A 84 12.06 27.76 -34.08
CA ASN A 84 11.98 28.00 -35.51
C ASN A 84 11.62 26.69 -36.19
N ASP A 85 10.36 26.30 -36.02
CA ASP A 85 9.96 24.92 -36.26
C ASP A 85 10.08 24.49 -37.71
N GLU A 86 9.95 25.43 -38.64
CA GLU A 86 10.03 25.05 -40.04
C GLU A 86 11.45 24.72 -40.49
N ARG A 87 12.44 25.43 -39.95
CA ARG A 87 13.84 25.13 -40.26
C ARG A 87 14.44 24.16 -39.26
N GLN A 88 13.66 23.80 -38.26
CA GLN A 88 14.11 22.92 -37.18
C GLN A 88 15.37 23.44 -36.49
N THR A 89 15.26 24.65 -35.98
CA THR A 89 16.23 25.17 -35.02
C THR A 89 15.48 25.80 -33.87
N VAL A 90 16.16 25.94 -32.73
CA VAL A 90 15.66 26.79 -31.67
C VAL A 90 16.61 27.97 -31.50
N SER A 91 16.06 29.12 -31.12
CA SER A 91 16.88 30.28 -30.73
C SER A 91 17.15 30.22 -29.23
N VAL A 92 18.41 30.44 -28.85
CA VAL A 92 18.85 30.27 -27.47
C VAL A 92 19.61 31.50 -26.99
N LEU A 93 19.22 31.99 -25.82
CA LEU A 93 19.87 33.14 -25.24
C LEU A 93 20.86 32.69 -24.17
N ASN A 94 22.13 32.99 -24.38
CA ASN A 94 23.16 32.79 -23.34
C ASN A 94 23.02 33.94 -22.36
N ARG A 95 22.47 33.65 -21.18
CA ARG A 95 22.16 34.70 -20.23
C ARG A 95 23.41 35.34 -19.61
N LYS A 96 24.52 34.61 -19.61
CA LYS A 96 25.76 35.13 -19.06
CA LYS A 96 25.77 35.14 -19.08
C LYS A 96 26.36 36.24 -19.95
N THR A 97 26.26 36.05 -21.28
CA THR A 97 26.86 37.00 -22.21
C THR A 97 25.83 37.81 -22.96
N ASN A 98 24.57 37.39 -22.84
CA ASN A 98 23.46 38.04 -23.51
C ASN A 98 23.53 37.97 -25.04
N GLU A 99 24.29 37.00 -25.55
CA GLU A 99 24.33 36.73 -26.98
C GLU A 99 23.44 35.54 -27.31
N GLN A 100 22.74 35.60 -28.45
CA GLN A 100 21.88 34.48 -28.84
C GLN A 100 22.44 33.73 -30.05
N PHE A 101 21.92 32.52 -30.27
CA PHE A 101 22.36 31.67 -31.37
C PHE A 101 21.32 30.60 -31.69
N GLU A 102 21.48 29.95 -32.84
CA GLU A 102 20.55 28.91 -33.25
C GLU A 102 21.14 27.52 -33.07
N GLU A 103 20.31 26.61 -32.57
CA GLU A 103 20.74 25.25 -32.39
C GLU A 103 19.81 24.34 -33.17
N SER A 104 20.38 23.53 -34.06
CA SER A 104 19.58 22.69 -34.94
C SER A 104 19.13 21.42 -34.21
N TYR A 105 18.11 20.76 -34.74
CA TYR A 105 17.63 19.53 -34.13
C TYR A 105 16.95 18.64 -35.15
N ASP A 106 16.97 17.33 -34.90
CA ASP A 106 16.17 16.39 -35.67
C ASP A 106 14.91 16.06 -34.86
N LYS A 107 15.07 16.02 -33.55
CA LYS A 107 13.94 15.90 -32.63
C LYS A 107 14.06 16.96 -31.54
N LEU A 108 12.93 17.59 -31.23
CA LEU A 108 12.88 18.59 -30.17
C LEU A 108 11.94 18.10 -29.07
N ILE A 109 12.42 18.14 -27.83
CA ILE A 109 11.60 17.70 -26.70
C ILE A 109 11.39 18.83 -25.71
N LEU A 110 10.14 19.24 -25.55
CA LEU A 110 9.82 20.38 -24.69
C LEU A 110 9.34 19.93 -23.32
N SER A 111 10.15 20.20 -22.30
CA SER A 111 9.73 20.01 -20.92
C SER A 111 10.04 21.24 -20.06
N PRO A 112 9.48 22.41 -20.42
CA PRO A 112 9.80 23.64 -19.69
C PRO A 112 8.97 23.86 -18.43
N GLY A 113 7.97 23.02 -18.23
CA GLY A 113 7.21 23.07 -17.00
C GLY A 113 6.46 24.37 -16.79
N ALA A 114 6.40 24.80 -15.53
CA ALA A 114 5.57 25.92 -15.13
C ALA A 114 6.31 26.81 -14.14
N SER A 115 5.96 28.10 -14.12
CA SER A 115 6.51 29.04 -13.17
C SER A 115 5.44 29.44 -12.14
N ALA A 116 5.90 29.81 -10.95
CA ALA A 116 4.99 30.27 -9.91
C ALA A 116 4.35 31.60 -10.29
N ASN A 117 3.04 31.71 -10.05
CA ASN A 117 2.38 33.01 -10.18
C ASN A 117 2.84 33.91 -9.06
N SER A 118 2.73 35.22 -9.27
CA SER A 118 2.97 36.17 -8.18
C SER A 118 1.75 37.08 -8.04
N LEU A 119 1.50 37.55 -6.83
CA LEU A 119 0.40 38.48 -6.60
C LEU A 119 0.68 39.89 -7.18
N GLY A 120 1.94 40.13 -7.55
CA GLY A 120 2.30 41.37 -8.22
C GLY A 120 2.64 42.53 -7.30
N PHE A 121 2.79 42.26 -6.00
CA PHE A 121 3.14 43.33 -5.09
C PHE A 121 4.60 43.72 -5.21
N GLU A 122 4.87 45.00 -5.04
CA GLU A 122 6.23 45.46 -4.92
C GLU A 122 6.59 45.26 -3.46
N SER A 123 7.52 44.34 -3.20
CA SER A 123 7.89 43.99 -1.82
C SER A 123 9.20 43.21 -1.81
N ASP A 124 10.08 43.53 -0.86
CA ASP A 124 11.36 42.85 -0.77
C ASP A 124 11.26 41.61 0.14
N ILE A 125 10.12 41.41 0.78
CA ILE A 125 9.97 40.33 1.74
C ILE A 125 9.14 39.16 1.20
N THR A 126 8.79 39.24 -0.08
CA THR A 126 7.91 38.23 -0.70
C THR A 126 8.67 37.27 -1.61
N PHE A 127 8.43 35.96 -1.42
CA PHE A 127 9.12 34.94 -2.19
C PHE A 127 8.17 33.88 -2.76
N THR A 128 8.52 33.33 -3.92
CA THR A 128 7.86 32.14 -4.42
C THR A 128 8.86 31.01 -4.42
N LEU A 129 8.35 29.79 -4.55
CA LEU A 129 9.19 28.62 -4.44
C LEU A 129 8.97 27.73 -5.64
N ARG A 130 9.97 27.62 -6.49
CA ARG A 130 9.87 26.76 -7.66
C ARG A 130 11.16 25.99 -7.92
N ASN A 131 12.30 26.56 -7.51
CA ASN A 131 13.57 25.88 -7.73
C ASN A 131 14.56 26.04 -6.59
N LEU A 132 15.77 25.55 -6.81
CA LEU A 132 16.80 25.55 -5.79
C LEU A 132 17.33 26.97 -5.55
N GLU A 133 17.43 27.76 -6.63
CA GLU A 133 17.75 29.19 -6.50
C GLU A 133 16.75 29.89 -5.57
N ASP A 134 15.46 29.55 -5.70
CA ASP A 134 14.44 30.14 -4.84
C ASP A 134 14.64 29.70 -3.39
N THR A 135 15.04 28.45 -3.22
CA THR A 135 15.23 27.89 -1.91
C THR A 135 16.42 28.54 -1.18
N ASP A 136 17.56 28.62 -1.85
CA ASP A 136 18.73 29.27 -1.27
C ASP A 136 18.41 30.70 -0.84
N ALA A 137 17.65 31.40 -1.68
CA ALA A 137 17.23 32.76 -1.40
C ALA A 137 16.34 32.87 -0.14
N ILE A 138 15.39 31.96 0.00
CA ILE A 138 14.52 31.96 1.16
C ILE A 138 15.32 31.67 2.43
N ASP A 139 16.16 30.64 2.38
CA ASP A 139 16.99 30.24 3.52
C ASP A 139 17.90 31.39 3.93
N GLN A 140 18.50 32.05 2.94
CA GLN A 140 19.39 33.17 3.21
C GLN A 140 18.62 34.34 3.81
N PHE A 141 17.42 34.58 3.30
CA PHE A 141 16.61 35.69 3.78
C PHE A 141 16.22 35.52 5.24
N ILE A 142 15.83 34.31 5.64
CA ILE A 142 15.45 34.01 7.02
CA ILE A 142 15.43 34.16 7.04
C ILE A 142 16.63 34.20 7.98
N LYS A 143 17.80 33.75 7.54
CA LYS A 143 18.99 33.88 8.37
C LYS A 143 19.36 35.35 8.49
N ALA A 144 19.46 36.02 7.34
CA ALA A 144 19.85 37.43 7.30
C ALA A 144 18.92 38.31 8.12
N ASN A 145 17.65 37.93 8.19
CA ASN A 145 16.66 38.79 8.80
C ASN A 145 16.09 38.25 10.09
N GLN A 146 16.57 37.09 10.53
CA GLN A 146 16.07 36.45 11.75
C GLN A 146 14.53 36.39 11.74
N VAL A 147 14.01 35.90 10.61
CA VAL A 147 12.57 35.84 10.40
C VAL A 147 11.90 34.97 11.45
N ASP A 148 10.84 35.51 12.03
CA ASP A 148 10.01 34.72 12.91
C ASP A 148 8.58 34.57 12.39
N LYS A 149 7.90 35.68 12.15
CA LYS A 149 6.52 35.62 11.65
C LYS A 149 6.51 35.53 10.13
N VAL A 150 5.83 34.52 9.62
CA VAL A 150 5.79 34.29 8.18
C VAL A 150 4.36 34.09 7.69
N LEU A 151 4.01 34.79 6.63
CA LEU A 151 2.69 34.62 6.04
C LEU A 151 2.78 33.69 4.84
N VAL A 152 2.06 32.59 4.93
CA VAL A 152 2.01 31.63 3.86
C VAL A 152 0.71 31.85 3.10
N VAL A 153 0.80 32.24 1.83
CA VAL A 153 -0.39 32.49 1.02
C VAL A 153 -0.67 31.34 0.06
N GLY A 154 -1.83 30.71 0.21
CA GLY A 154 -2.20 29.61 -0.65
C GLY A 154 -2.29 28.31 0.13
N ALA A 155 -3.22 27.45 -0.24
CA ALA A 155 -3.44 26.24 0.54
C ALA A 155 -3.38 25.01 -0.36
N GLY A 156 -2.66 25.12 -1.45
CA GLY A 156 -2.31 23.97 -2.25
C GLY A 156 -1.35 23.07 -1.48
N TYR A 157 -1.08 21.89 -2.03
CA TYR A 157 -0.30 20.92 -1.28
C TYR A 157 1.12 21.39 -1.04
N VAL A 158 1.70 22.12 -1.99
CA VAL A 158 3.06 22.63 -1.81
C VAL A 158 3.14 23.64 -0.67
N SER A 159 2.20 24.58 -0.64
CA SER A 159 2.15 25.58 0.40
C SER A 159 1.95 24.94 1.78
N LEU A 160 1.17 23.88 1.84
CA LEU A 160 0.99 23.20 3.11
C LEU A 160 2.29 22.57 3.59
N GLU A 161 3.04 22.01 2.64
CA GLU A 161 4.32 21.40 2.98
C GLU A 161 5.30 22.48 3.45
N VAL A 162 5.29 23.63 2.77
CA VAL A 162 6.14 24.74 3.19
C VAL A 162 5.78 25.19 4.60
N LEU A 163 4.48 25.36 4.85
CA LEU A 163 4.03 25.79 6.17
C LEU A 163 4.51 24.84 7.27
N GLU A 164 4.34 23.54 7.03
CA GLU A 164 4.72 22.55 8.03
C GLU A 164 6.21 22.68 8.35
N ASN A 165 7.00 22.83 7.30
CA ASN A 165 8.45 22.93 7.44
C ASN A 165 8.91 24.22 8.15
N LEU A 166 8.28 25.34 7.84
CA LEU A 166 8.58 26.60 8.53
C LEU A 166 8.31 26.44 10.02
N TYR A 167 7.20 25.79 10.32
CA TYR A 167 6.81 25.51 11.69
C TYR A 167 7.87 24.65 12.41
N GLU A 168 8.26 23.53 11.80
CA GLU A 168 9.23 22.66 12.46
C GLU A 168 10.61 23.33 12.60
N ARG A 169 10.87 24.36 11.81
CA ARG A 169 12.14 25.09 11.86
C ARG A 169 12.18 26.06 13.07
N GLY A 170 11.02 26.30 13.67
CA GLY A 170 10.93 27.17 14.82
C GLY A 170 10.28 28.49 14.48
N LEU A 171 9.84 28.63 13.23
CA LEU A 171 9.20 29.87 12.81
C LEU A 171 7.71 29.83 13.15
N HIS A 172 7.05 30.97 13.04
CA HIS A 172 5.64 31.06 13.38
C HIS A 172 4.80 31.49 12.17
N PRO A 173 4.37 30.50 11.37
CA PRO A 173 3.60 30.82 10.17
C PRO A 173 2.12 31.07 10.44
N THR A 174 1.51 31.80 9.53
CA THR A 174 0.06 32.00 9.48
C THR A 174 -0.35 31.65 8.06
N LEU A 175 -1.41 30.87 7.91
CA LEU A 175 -1.87 30.47 6.58
C LEU A 175 -3.09 31.28 6.15
N ILE A 176 -3.06 31.86 4.95
CA ILE A 176 -4.28 32.39 4.36
C ILE A 176 -4.54 31.79 2.97
N HIS A 177 -5.79 31.83 2.55
N HIS A 177 -5.79 31.82 2.54
CA HIS A 177 -6.15 31.36 1.22
CA HIS A 177 -6.16 31.34 1.21
C HIS A 177 -7.39 32.10 0.71
C HIS A 177 -7.40 32.09 0.71
N ARG A 178 -7.37 32.50 -0.57
CA ARG A 178 -8.44 33.30 -1.14
C ARG A 178 -9.82 32.63 -1.12
N SER A 179 -9.88 31.32 -0.98
CA SER A 179 -11.17 30.67 -0.83
C SER A 179 -11.11 29.61 0.25
N ASP A 180 -12.19 28.87 0.45
CA ASP A 180 -12.17 27.83 1.47
C ASP A 180 -11.81 26.47 0.87
N LYS A 181 -11.46 26.47 -0.42
CA LYS A 181 -11.07 25.25 -1.12
C LYS A 181 -9.59 24.89 -0.95
N ILE A 182 -9.21 24.52 0.26
CA ILE A 182 -7.83 24.10 0.51
C ILE A 182 -7.57 22.73 -0.11
N ASN A 183 -6.29 22.43 -0.36
CA ASN A 183 -5.83 21.11 -0.86
C ASN A 183 -6.82 20.48 -1.84
N LYS A 184 -7.08 21.17 -2.94
CA LYS A 184 -8.31 20.93 -3.70
C LYS A 184 -8.38 19.66 -4.54
N LEU A 185 -7.32 18.87 -4.58
CA LEU A 185 -7.42 17.56 -5.23
C LEU A 185 -8.18 16.58 -4.33
N MET A 186 -8.41 16.95 -3.08
CA MET A 186 -9.09 16.09 -2.12
C MET A 186 -10.54 16.55 -1.89
N ASP A 187 -11.45 15.61 -1.59
CA ASP A 187 -12.83 16.00 -1.26
C ASP A 187 -12.79 17.04 -0.13
N ALA A 188 -13.60 18.07 -0.28
CA ALA A 188 -13.58 19.22 0.64
C ALA A 188 -13.82 18.84 2.10
N ASP A 189 -14.84 18.00 2.34
CA ASP A 189 -15.16 17.56 3.68
C ASP A 189 -14.05 16.67 4.27
N MET A 190 -13.32 15.98 3.40
CA MET A 190 -12.21 15.14 3.87
C MET A 190 -10.92 15.92 4.18
N ASN A 191 -10.93 17.23 3.95
CA ASN A 191 -9.76 18.07 4.27
C ASN A 191 -9.73 18.64 5.68
N GLN A 192 -10.80 18.42 6.44
CA GLN A 192 -10.88 18.92 7.82
C GLN A 192 -9.65 18.67 8.73
N PRO A 193 -9.01 17.47 8.64
CA PRO A 193 -7.85 17.28 9.52
C PRO A 193 -6.70 18.27 9.30
N ILE A 194 -6.61 18.87 8.12
CA ILE A 194 -5.60 19.90 7.89
C ILE A 194 -5.84 21.01 8.90
N LEU A 195 -7.11 21.40 9.00
CA LEU A 195 -7.51 22.46 9.87
C LEU A 195 -7.43 22.03 11.33
N ASP A 196 -7.66 20.74 11.58
CA ASP A 196 -7.49 20.21 12.94
C ASP A 196 -6.03 20.27 13.38
N GLU A 197 -5.11 19.89 12.49
CA GLU A 197 -3.69 19.92 12.83
C GLU A 197 -3.19 21.34 13.09
N LEU A 198 -3.67 22.29 12.30
CA LEU A 198 -3.35 23.69 12.54
C LEU A 198 -3.87 24.14 13.90
N ASP A 199 -5.12 23.80 14.20
CA ASP A 199 -5.72 24.22 15.48
C ASP A 199 -4.96 23.62 16.64
N LYS A 200 -4.57 22.37 16.48
CA LYS A 200 -3.88 21.63 17.53
C LYS A 200 -2.58 22.34 17.91
N ARG A 201 -1.97 22.99 16.93
CA ARG A 201 -0.67 23.61 17.13
C ARG A 201 -0.70 25.12 17.29
N GLU A 202 -1.91 25.68 17.38
CA GLU A 202 -2.07 27.14 17.47
C GLU A 202 -1.39 27.85 16.31
N ILE A 203 -1.45 27.23 15.14
CA ILE A 203 -1.02 27.89 13.92
C ILE A 203 -2.24 28.56 13.32
N PRO A 204 -2.21 29.91 13.27
CA PRO A 204 -3.35 30.69 12.78
C PRO A 204 -3.62 30.46 11.30
N TYR A 205 -4.89 30.50 10.92
CA TYR A 205 -5.25 30.44 9.52
C TYR A 205 -6.54 31.21 9.26
N ARG A 206 -6.67 31.73 8.04
CA ARG A 206 -7.86 32.47 7.65
C ARG A 206 -8.20 32.11 6.21
N LEU A 207 -9.38 31.53 5.99
CA LEU A 207 -9.81 31.21 4.64
C LEU A 207 -10.77 32.28 4.10
N ASN A 208 -10.94 32.31 2.78
CA ASN A 208 -11.57 33.44 2.11
C ASN A 208 -10.92 34.78 2.49
N GLU A 209 -9.58 34.78 2.52
CA GLU A 209 -8.81 35.96 2.92
C GLU A 209 -7.74 36.23 1.88
N GLU A 210 -7.43 37.51 1.66
CA GLU A 210 -6.42 37.93 0.68
C GLU A 210 -5.65 39.15 1.17
N ILE A 211 -4.45 39.35 0.63
CA ILE A 211 -3.70 40.59 0.85
C ILE A 211 -4.31 41.74 0.05
N ASN A 212 -4.46 42.87 0.72
CA ASN A 212 -4.99 44.08 0.14
C ASN A 212 -3.79 44.91 -0.28
N ALA A 213 -2.91 45.16 0.68
CA ALA A 213 -1.76 46.00 0.43
C ALA A 213 -0.55 45.61 1.27
N ILE A 214 0.64 45.88 0.76
CA ILE A 214 1.85 45.68 1.54
C ILE A 214 2.63 46.99 1.68
N ASN A 215 2.93 47.32 2.92
CA ASN A 215 3.68 48.53 3.24
C ASN A 215 4.86 48.17 4.12
N GLY A 216 5.97 47.78 3.50
CA GLY A 216 7.12 47.30 4.26
C GLY A 216 6.82 45.93 4.85
N ASN A 217 6.87 45.80 6.17
CA ASN A 217 6.43 44.57 6.82
C ASN A 217 4.98 44.63 7.28
N GLU A 218 4.31 45.75 7.01
CA GLU A 218 2.93 45.89 7.42
C GLU A 218 1.97 45.43 6.31
N ILE A 219 1.19 44.40 6.62
CA ILE A 219 0.30 43.80 5.63
C ILE A 219 -1.16 44.11 5.95
N THR A 220 -1.86 44.66 4.97
CA THR A 220 -3.28 44.97 5.11
C THR A 220 -4.09 43.93 4.35
N PHE A 221 -5.08 43.35 5.01
CA PHE A 221 -5.81 42.25 4.42
C PHE A 221 -7.20 42.63 4.00
N LYS A 222 -7.75 41.79 3.14
CA LYS A 222 -9.09 41.96 2.63
CA LYS A 222 -9.10 41.95 2.63
C LYS A 222 -10.13 42.04 3.77
N SER A 223 -9.91 41.27 4.82
CA SER A 223 -10.79 41.28 5.98
C SER A 223 -10.80 42.63 6.70
N GLY A 224 -9.74 43.41 6.51
CA GLY A 224 -9.57 44.68 7.20
C GLY A 224 -8.50 44.59 8.28
N LYS A 225 -8.09 43.37 8.60
CA LYS A 225 -7.03 43.13 9.57
C LYS A 225 -5.70 43.70 9.05
N VAL A 226 -4.87 44.19 9.96
CA VAL A 226 -3.50 44.60 9.62
C VAL A 226 -2.52 43.93 10.57
N GLU A 227 -1.56 43.20 10.01
CA GLU A 227 -0.55 42.55 10.83
C GLU A 227 0.86 42.76 10.31
N HIS A 228 1.80 42.43 11.18
CA HIS A 228 3.20 42.52 10.83
CA HIS A 228 3.22 42.53 10.90
C HIS A 228 3.81 41.15 10.56
N TYR A 229 4.46 41.04 9.40
CA TYR A 229 5.15 39.80 9.03
C TYR A 229 6.56 40.10 8.58
N ASP A 230 7.50 39.22 8.94
CA ASP A 230 8.89 39.38 8.53
C ASP A 230 9.09 38.85 7.12
N MET A 231 8.16 38.01 6.68
CA MET A 231 8.37 37.32 5.42
C MET A 231 7.05 36.78 4.86
N ILE A 232 6.97 36.73 3.53
CA ILE A 232 5.80 36.20 2.85
C ILE A 232 6.22 35.18 1.80
N ILE A 233 5.62 34.00 1.88
CA ILE A 233 5.81 33.00 0.86
C ILE A 233 4.49 32.84 0.11
N GLU A 234 4.45 33.25 -1.15
CA GLU A 234 3.23 33.11 -1.92
C GLU A 234 3.19 31.83 -2.76
N GLY A 235 2.14 31.04 -2.55
CA GLY A 235 1.89 29.84 -3.33
C GLY A 235 0.52 30.00 -3.98
N VAL A 236 0.45 30.86 -4.98
CA VAL A 236 -0.83 31.25 -5.55
C VAL A 236 -1.01 30.70 -6.96
N GLY A 237 -0.58 29.46 -7.16
CA GLY A 237 -0.80 28.79 -8.42
C GLY A 237 0.37 28.96 -9.37
N THR A 238 0.26 28.32 -10.54
CA THR A 238 1.34 28.36 -11.51
C THR A 238 0.79 28.71 -12.89
N HIS A 239 1.69 29.10 -13.79
CA HIS A 239 1.36 29.27 -15.19
C HIS A 239 2.41 28.56 -16.04
N PRO A 240 2.00 28.06 -17.22
CA PRO A 240 2.88 27.31 -18.11
C PRO A 240 3.98 28.17 -18.71
N ASN A 241 5.16 27.60 -18.87
CA ASN A 241 6.25 28.34 -19.48
C ASN A 241 6.18 28.17 -20.99
N SER A 242 5.19 28.83 -21.60
CA SER A 242 4.92 28.62 -23.03
C SER A 242 5.02 29.91 -23.86
N LYS A 243 5.54 30.96 -23.26
CA LYS A 243 5.67 32.24 -23.96
C LYS A 243 6.61 32.11 -25.14
N PHE A 244 7.65 31.31 -24.97
CA PHE A 244 8.68 31.19 -26.01
C PHE A 244 8.15 30.36 -27.19
N ILE A 245 6.94 29.86 -27.05
CA ILE A 245 6.37 28.92 -28.02
C ILE A 245 5.32 29.57 -28.92
N GLU A 246 4.67 30.62 -28.45
CA GLU A 246 3.52 31.19 -29.15
C GLU A 246 3.75 31.60 -30.61
N SER A 247 4.98 32.00 -30.96
CA SER A 247 5.26 32.42 -32.35
C SER A 247 5.39 31.24 -33.32
N SER A 248 5.58 30.04 -32.78
CA SER A 248 5.78 28.86 -33.62
C SER A 248 4.44 28.31 -34.11
N ASN A 249 4.51 27.23 -34.88
CA ASN A 249 3.31 26.57 -35.39
C ASN A 249 2.70 25.58 -34.39
N ILE A 250 3.26 25.52 -33.20
CA ILE A 250 2.74 24.61 -32.18
C ILE A 250 1.40 25.09 -31.64
N LYS A 251 0.44 24.17 -31.63
CA LYS A 251 -0.89 24.40 -31.12
C LYS A 251 -0.92 24.47 -29.59
N LEU A 252 -1.43 25.58 -29.06
CA LEU A 252 -1.60 25.73 -27.62
C LEU A 252 -3.08 25.84 -27.30
N ASP A 253 -3.48 25.36 -26.12
CA ASP A 253 -4.85 25.63 -25.69
C ASP A 253 -4.93 27.07 -25.19
N ARG A 254 -6.09 27.48 -24.70
CA ARG A 254 -6.29 28.88 -24.33
CA ARG A 254 -6.28 28.88 -24.34
C ARG A 254 -5.68 29.26 -22.99
N LYS A 255 -5.22 28.26 -22.23
CA LYS A 255 -4.56 28.54 -20.96
C LYS A 255 -3.05 28.50 -21.11
N GLY A 256 -2.58 28.21 -22.32
CA GLY A 256 -1.17 28.20 -22.62
C GLY A 256 -0.50 26.83 -22.57
N PHE A 257 -1.28 25.76 -22.47
CA PHE A 257 -0.72 24.41 -22.47
C PHE A 257 -0.69 23.78 -23.85
N ILE A 258 0.06 22.67 -23.96
CA ILE A 258 0.18 21.96 -25.22
C ILE A 258 -0.55 20.63 -25.20
N PRO A 259 -1.67 20.53 -25.94
CA PRO A 259 -2.37 19.26 -26.11
C PRO A 259 -1.46 18.30 -26.86
N VAL A 260 -1.35 17.07 -26.39
CA VAL A 260 -0.56 16.09 -27.09
C VAL A 260 -1.34 14.81 -27.30
N ASN A 261 -0.89 13.99 -28.24
CA ASN A 261 -1.45 12.65 -28.39
C ASN A 261 -0.75 11.68 -27.44
N ASP A 262 -1.06 10.40 -27.59
CA ASP A 262 -0.57 9.38 -26.66
C ASP A 262 0.88 8.98 -26.94
N LYS A 263 1.49 9.60 -27.95
CA LYS A 263 2.92 9.45 -28.20
C LYS A 263 3.64 10.70 -27.72
N PHE A 264 2.86 11.54 -27.04
CA PHE A 264 3.34 12.84 -26.58
C PHE A 264 3.86 13.72 -27.71
N GLU A 265 3.25 13.58 -28.88
CA GLU A 265 3.57 14.43 -30.01
C GLU A 265 2.70 15.69 -30.01
N THR A 266 3.29 16.82 -30.40
CA THR A 266 2.51 18.03 -30.68
C THR A 266 1.90 17.88 -32.07
N ASN A 267 1.18 18.90 -32.51
CA ASN A 267 0.70 18.94 -33.89
C ASN A 267 1.84 19.08 -34.91
N VAL A 268 3.03 19.44 -34.43
CA VAL A 268 4.16 19.67 -35.33
C VAL A 268 5.10 18.47 -35.34
N PRO A 269 5.44 17.99 -36.54
CA PRO A 269 6.36 16.85 -36.66
C PRO A 269 7.70 17.08 -35.96
N ASN A 270 8.14 16.03 -35.29
CA ASN A 270 9.43 15.97 -34.62
C ASN A 270 9.49 16.77 -33.33
N ILE A 271 8.38 17.40 -32.96
CA ILE A 271 8.32 18.07 -31.68
C ILE A 271 7.41 17.34 -30.68
N TYR A 272 8.00 16.96 -29.55
CA TYR A 272 7.28 16.33 -28.44
C TYR A 272 7.15 17.33 -27.29
N ALA A 273 6.14 17.14 -26.45
CA ALA A 273 5.99 17.92 -25.23
C ALA A 273 5.58 16.99 -24.10
N ILE A 274 6.17 17.20 -22.92
CA ILE A 274 5.94 16.35 -21.77
C ILE A 274 5.97 17.19 -20.50
N GLY A 275 5.62 16.56 -19.38
CA GLY A 275 5.70 17.24 -18.10
C GLY A 275 4.51 18.17 -17.91
N ASP A 276 4.67 19.17 -17.05
CA ASP A 276 3.56 20.02 -16.64
C ASP A 276 2.93 20.83 -17.79
N ILE A 277 3.67 20.96 -18.89
CA ILE A 277 3.21 21.78 -20.03
C ILE A 277 2.18 21.05 -20.91
N ALA A 278 2.12 19.72 -20.80
CA ALA A 278 1.30 18.94 -21.72
C ALA A 278 -0.04 18.53 -21.12
N THR A 279 -1.04 18.40 -21.99
CA THR A 279 -2.36 17.90 -21.55
C THR A 279 -2.74 16.69 -22.37
N SER A 280 -3.55 15.83 -21.77
CA SER A 280 -3.85 14.54 -22.34
C SER A 280 -5.29 14.23 -21.99
N HIS A 281 -5.55 12.98 -21.62
CA HIS A 281 -6.90 12.56 -21.26
C HIS A 281 -6.81 11.56 -20.12
N TYR A 282 -7.94 11.25 -19.50
CA TYR A 282 -8.00 10.22 -18.47
C TYR A 282 -7.96 8.83 -19.08
N ARG A 283 -7.44 7.87 -18.32
CA ARG A 283 -7.41 6.49 -18.78
C ARG A 283 -8.77 5.79 -18.66
N HIS A 284 -9.50 6.11 -17.59
CA HIS A 284 -10.70 5.34 -17.23
C HIS A 284 -12.02 5.96 -17.70
N VAL A 285 -12.00 7.23 -18.10
CA VAL A 285 -13.18 7.89 -18.66
C VAL A 285 -12.73 8.73 -19.85
N ASP A 286 -13.67 9.09 -20.71
CA ASP A 286 -13.31 9.87 -21.91
C ASP A 286 -13.41 11.37 -21.63
N LEU A 287 -12.48 11.88 -20.85
CA LEU A 287 -12.44 13.30 -20.52
C LEU A 287 -11.01 13.78 -20.67
N PRO A 288 -10.82 15.08 -20.94
CA PRO A 288 -9.46 15.63 -20.98
C PRO A 288 -8.89 15.72 -19.58
N ALA A 289 -7.58 15.55 -19.47
CA ALA A 289 -6.91 15.60 -18.18
C ALA A 289 -5.60 16.39 -18.26
N SER A 290 -5.31 17.09 -17.18
CA SER A 290 -4.01 17.71 -16.98
C SER A 290 -3.57 17.34 -15.56
N VAL A 291 -2.48 16.61 -15.46
CA VAL A 291 -1.98 16.13 -14.16
C VAL A 291 -0.51 16.51 -13.99
N PRO A 292 -0.27 17.72 -13.46
CA PRO A 292 1.08 18.28 -13.37
C PRO A 292 1.87 17.79 -12.16
N LEU A 293 2.22 16.51 -12.17
CA LEU A 293 2.91 15.87 -11.06
C LEU A 293 4.08 15.03 -11.59
N ALA A 294 4.90 14.54 -10.65
CA ALA A 294 6.17 13.88 -11.01
C ALA A 294 6.00 12.60 -11.83
N TRP A 295 5.06 11.75 -11.42
CA TRP A 295 4.86 10.48 -12.10
C TRP A 295 4.64 10.66 -13.60
N GLY A 296 3.80 11.64 -13.97
CA GLY A 296 3.51 11.89 -15.37
C GLY A 296 4.72 12.38 -16.17
N ALA A 297 5.57 13.17 -15.52
CA ALA A 297 6.79 13.67 -16.15
C ALA A 297 7.74 12.51 -16.44
N HIS A 298 7.92 11.65 -15.45
CA HIS A 298 8.77 10.47 -15.60
C HIS A 298 8.22 9.44 -16.59
N ARG A 299 6.90 9.23 -16.59
CA ARG A 299 6.29 8.26 -17.49
C ARG A 299 6.39 8.73 -18.94
N ALA A 300 6.06 9.99 -19.17
CA ALA A 300 6.16 10.59 -20.49
C ALA A 300 7.59 10.55 -21.03
N ALA A 301 8.55 10.77 -20.15
CA ALA A 301 9.96 10.76 -20.54
C ALA A 301 10.34 9.39 -21.11
N SER A 302 9.88 8.31 -20.46
CA SER A 302 10.15 6.96 -20.94
C SER A 302 9.47 6.66 -22.27
N ILE A 303 8.22 7.08 -22.41
CA ILE A 303 7.47 6.84 -23.63
C ILE A 303 8.09 7.58 -24.82
N VAL A 304 8.49 8.82 -24.58
CA VAL A 304 9.14 9.60 -25.63
C VAL A 304 10.49 8.97 -26.01
N ALA A 305 11.21 8.46 -25.02
CA ALA A 305 12.46 7.73 -25.29
C ALA A 305 12.20 6.51 -26.17
N GLU A 306 11.18 5.71 -25.83
CA GLU A 306 10.82 4.58 -26.67
C GLU A 306 10.41 5.01 -28.09
N GLN A 307 9.63 6.08 -28.20
CA GLN A 307 9.22 6.60 -29.53
C GLN A 307 10.41 6.95 -30.44
N ILE A 308 11.41 7.58 -29.84
CA ILE A 308 12.55 8.10 -30.61
C ILE A 308 13.62 7.05 -30.86
N ALA A 309 13.88 6.23 -29.85
CA ALA A 309 15.03 5.35 -29.88
C ALA A 309 14.73 3.89 -29.59
N GLY A 310 13.46 3.57 -29.35
CA GLY A 310 13.14 2.20 -28.97
C GLY A 310 11.94 1.64 -29.67
N ASN A 311 11.04 1.08 -28.88
CA ASN A 311 9.84 0.42 -29.38
C ASN A 311 8.71 1.45 -29.53
N ASP A 312 8.44 1.88 -30.76
CA ASP A 312 7.46 2.95 -30.95
C ASP A 312 5.99 2.51 -30.94
N THR A 313 5.69 1.28 -30.53
CA THR A 313 4.30 0.88 -30.32
C THR A 313 3.87 1.17 -28.89
N ILE A 314 4.83 1.57 -28.07
CA ILE A 314 4.56 1.95 -26.68
C ILE A 314 3.93 3.33 -26.64
N GLU A 315 2.70 3.39 -26.18
CA GLU A 315 1.96 4.64 -26.10
C GLU A 315 1.31 4.82 -24.74
N PHE A 316 1.15 6.08 -24.36
CA PHE A 316 0.43 6.48 -23.17
C PHE A 316 -1.00 5.98 -23.23
N LYS A 317 -1.55 5.61 -22.07
CA LYS A 317 -2.95 5.19 -22.04
C LYS A 317 -3.81 6.15 -21.23
N GLY A 318 -3.24 7.29 -20.83
CA GLY A 318 -4.01 8.29 -20.13
C GLY A 318 -3.71 8.34 -18.64
N PHE A 319 -4.25 9.35 -17.98
CA PHE A 319 -4.01 9.59 -16.57
C PHE A 319 -5.12 9.06 -15.69
N LEU A 320 -4.78 8.82 -14.43
CA LEU A 320 -5.79 8.59 -13.41
C LEU A 320 -5.77 9.72 -12.39
N GLY A 321 -4.72 10.53 -12.40
CA GLY A 321 -4.61 11.63 -11.47
C GLY A 321 -4.41 11.22 -10.01
N ASN A 322 -3.55 10.23 -9.77
CA ASN A 322 -3.24 9.78 -8.40
C ASN A 322 -2.37 10.84 -7.75
N ASN A 323 -2.68 11.21 -6.51
CA ASN A 323 -2.00 12.30 -5.84
C ASN A 323 -2.07 12.13 -4.33
N ILE A 324 -1.12 12.73 -3.63
CA ILE A 324 -1.06 12.53 -2.19
C ILE A 324 -0.24 13.64 -1.54
N VAL A 325 -0.58 13.98 -0.32
CA VAL A 325 0.25 14.87 0.46
C VAL A 325 0.20 14.47 1.93
N LYS A 326 1.29 14.76 2.63
CA LYS A 326 1.33 14.61 4.07
CA LYS A 326 1.35 14.60 4.07
C LYS A 326 1.30 15.96 4.74
N PHE A 327 0.53 16.07 5.80
CA PHE A 327 0.49 17.31 6.55
C PHE A 327 0.41 16.96 8.03
N PHE A 328 1.50 17.24 8.73
CA PHE A 328 1.70 16.75 10.10
C PHE A 328 1.45 15.24 10.24
N ASP A 329 0.48 14.83 11.07
CA ASP A 329 0.28 13.40 11.28
C ASP A 329 -0.60 12.71 10.23
N TYR A 330 -1.22 13.48 9.36
CA TYR A 330 -2.23 12.95 8.44
C TYR A 330 -1.76 12.79 6.99
N THR A 331 -2.30 11.77 6.32
CA THR A 331 -2.07 11.57 4.88
C THR A 331 -3.38 11.82 4.13
N PHE A 332 -3.29 12.50 2.99
CA PHE A 332 -4.46 12.81 2.16
C PHE A 332 -4.20 12.37 0.71
N ALA A 333 -4.95 11.39 0.24
CA ALA A 333 -4.72 10.88 -1.11
C ALA A 333 -6.01 10.64 -1.88
N SER A 334 -5.96 10.86 -3.19
CA SER A 334 -7.12 10.64 -4.03
C SER A 334 -6.66 10.23 -5.42
N VAL A 335 -7.58 9.67 -6.21
CA VAL A 335 -7.29 9.19 -7.54
C VAL A 335 -8.59 9.17 -8.37
N GLY A 336 -8.48 9.41 -9.68
CA GLY A 336 -9.64 9.43 -10.55
C GLY A 336 -10.05 10.84 -10.91
N VAL A 337 -11.30 11.03 -11.32
CA VAL A 337 -11.72 12.36 -11.74
C VAL A 337 -11.75 13.32 -10.55
N LYS A 338 -11.56 14.60 -10.83
CA LYS A 338 -11.61 15.63 -9.81
C LYS A 338 -13.05 15.80 -9.32
N PRO A 339 -13.22 16.34 -8.10
CA PRO A 339 -14.53 16.55 -7.49
C PRO A 339 -15.49 17.30 -8.43
N ASN A 340 -14.99 18.31 -9.11
CA ASN A 340 -15.78 19.13 -10.02
CA ASN A 340 -15.84 19.10 -9.98
C ASN A 340 -16.17 18.39 -11.29
N GLU A 341 -15.44 17.31 -11.59
CA GLU A 341 -15.70 16.56 -12.80
C GLU A 341 -16.74 15.44 -12.61
N LEU A 342 -17.11 15.17 -11.35
CA LEU A 342 -18.12 14.13 -11.07
C LEU A 342 -19.46 14.41 -11.73
N LYS A 343 -19.80 15.69 -11.84
CA LYS A 343 -21.11 16.07 -12.37
C LYS A 343 -21.32 15.70 -13.84
N GLN A 344 -20.29 15.21 -14.51
CA GLN A 344 -20.45 14.72 -15.88
C GLN A 344 -20.90 13.27 -15.89
N PHE A 345 -21.18 12.74 -14.71
CA PHE A 345 -21.56 11.34 -14.59
C PHE A 345 -22.75 11.22 -13.69
N ASP A 346 -23.54 10.19 -13.94
CA ASP A 346 -24.51 9.73 -12.96
C ASP A 346 -23.74 8.83 -12.01
N TYR A 347 -23.66 9.24 -10.75
CA TYR A 347 -22.78 8.55 -9.83
C TYR A 347 -23.42 8.32 -8.47
N LYS A 348 -22.86 7.35 -7.75
CA LYS A 348 -23.16 7.12 -6.35
C LYS A 348 -21.87 7.08 -5.55
N MET A 349 -21.99 7.21 -4.24
CA MET A 349 -20.84 7.23 -3.34
C MET A 349 -21.01 6.18 -2.25
N VAL A 350 -19.93 5.45 -1.98
CA VAL A 350 -19.87 4.49 -0.89
C VAL A 350 -18.70 4.91 -0.01
N GLU A 351 -18.80 4.69 1.30
CA GLU A 351 -17.67 5.04 2.18
C GLU A 351 -17.63 4.21 3.46
N VAL A 352 -16.43 4.02 4.00
CA VAL A 352 -16.25 3.36 5.28
C VAL A 352 -15.26 4.14 6.12
N THR A 353 -15.49 4.16 7.42
CA THR A 353 -14.51 4.65 8.34
C THR A 353 -14.21 3.54 9.35
N GLN A 354 -12.95 3.11 9.37
CA GLN A 354 -12.58 1.91 10.09
C GLN A 354 -11.10 2.02 10.48
N GLY A 355 -10.67 1.21 11.45
CA GLY A 355 -9.28 1.21 11.86
C GLY A 355 -8.39 0.80 10.70
N ALA A 356 -7.22 1.40 10.63
CA ALA A 356 -6.26 1.10 9.57
C ALA A 356 -5.79 -0.33 9.68
N HIS A 357 -5.74 -0.83 10.91
CA HIS A 357 -5.34 -2.20 11.17
C HIS A 357 -6.16 -2.76 12.34
N ALA A 358 -5.78 -3.93 12.83
CA ALA A 358 -6.56 -4.59 13.88
C ALA A 358 -6.71 -3.69 15.11
N ASN A 359 -7.94 -3.60 15.60
CA ASN A 359 -8.26 -2.71 16.72
C ASN A 359 -7.39 -2.90 17.95
N TYR A 360 -7.05 -4.16 18.24
CA TYR A 360 -6.29 -4.46 19.43
C TYR A 360 -4.82 -4.14 19.26
N TYR A 361 -4.38 -4.07 18.01
CA TYR A 361 -2.99 -3.76 17.77
C TYR A 361 -2.79 -2.26 18.01
N PRO A 362 -1.70 -1.90 18.68
CA PRO A 362 -1.47 -0.52 19.17
C PRO A 362 -1.16 0.46 18.06
N GLY A 363 -1.44 1.74 18.31
CA GLY A 363 -1.11 2.79 17.37
C GLY A 363 -2.07 2.79 16.20
N ASN A 364 -3.29 2.32 16.46
CA ASN A 364 -4.33 2.30 15.44
C ASN A 364 -4.96 3.68 15.34
N SER A 365 -5.57 3.95 14.19
CA SER A 365 -6.23 5.23 13.94
C SER A 365 -7.30 5.01 12.88
N PRO A 366 -8.36 5.83 12.91
CA PRO A 366 -9.44 5.67 11.93
C PRO A 366 -9.02 6.08 10.52
N LEU A 367 -9.30 5.23 9.56
CA LEU A 367 -9.02 5.51 8.17
C LEU A 367 -10.34 5.68 7.45
N HIS A 368 -10.51 6.83 6.80
CA HIS A 368 -11.74 7.12 6.07
C HIS A 368 -11.47 6.89 4.59
N LEU A 369 -12.21 5.97 3.99
CA LEU A 369 -12.04 5.67 2.57
C LEU A 369 -13.37 5.86 1.86
N ARG A 370 -13.32 6.56 0.73
CA ARG A 370 -14.53 6.89 -0.02
C ARG A 370 -14.35 6.57 -1.49
N VAL A 371 -15.37 5.96 -2.09
CA VAL A 371 -15.31 5.56 -3.49
C VAL A 371 -16.56 5.99 -4.26
N TYR A 372 -16.35 6.61 -5.42
CA TYR A 372 -17.45 7.05 -6.29
C TYR A 372 -17.55 6.11 -7.47
N TYR A 373 -18.75 5.70 -7.83
CA TYR A 373 -18.89 4.84 -8.99
C TYR A 373 -19.99 5.33 -9.93
N ASP A 374 -19.85 4.97 -11.20
CA ASP A 374 -20.78 5.35 -12.27
C ASP A 374 -21.96 4.38 -12.26
N THR A 375 -23.19 4.90 -12.18
CA THR A 375 -24.36 4.03 -12.03
C THR A 375 -24.67 3.23 -13.29
N SER A 376 -24.21 3.73 -14.43
CA SER A 376 -24.53 3.10 -15.70
C SER A 376 -23.70 1.84 -15.93
N ASN A 377 -22.58 1.71 -15.22
CA ASN A 377 -21.70 0.57 -15.46
C ASN A 377 -20.94 0.03 -14.24
N ARG A 378 -21.21 0.60 -13.07
CA ARG A 378 -20.59 0.17 -11.81
C ARG A 378 -19.09 0.46 -11.73
N GLN A 379 -18.57 1.16 -12.73
CA GLN A 379 -17.13 1.42 -12.76
C GLN A 379 -16.71 2.51 -11.80
N ILE A 380 -15.53 2.34 -11.21
CA ILE A 380 -15.00 3.28 -10.23
C ILE A 380 -14.50 4.55 -10.93
N LEU A 381 -15.00 5.69 -10.49
CA LEU A 381 -14.67 6.98 -11.08
C LEU A 381 -13.61 7.74 -10.29
N ARG A 382 -13.67 7.61 -8.97
CA ARG A 382 -12.85 8.42 -8.07
C ARG A 382 -12.74 7.71 -6.74
N ALA A 383 -11.60 7.83 -6.08
CA ALA A 383 -11.46 7.35 -4.72
C ALA A 383 -10.65 8.33 -3.88
N ALA A 384 -10.96 8.41 -2.58
CA ALA A 384 -10.20 9.29 -1.70
C ALA A 384 -10.03 8.64 -0.33
N ALA A 385 -8.91 8.92 0.31
CA ALA A 385 -8.68 8.38 1.65
C ALA A 385 -7.86 9.34 2.51
N VAL A 386 -8.28 9.47 3.76
CA VAL A 386 -7.61 10.35 4.71
C VAL A 386 -7.43 9.64 6.04
N GLY A 387 -6.23 9.75 6.61
CA GLY A 387 -5.98 9.23 7.94
C GLY A 387 -4.51 9.24 8.26
N LYS A 388 -4.18 8.96 9.53
CA LYS A 388 -2.77 8.93 9.92
C LYS A 388 -2.05 7.71 9.37
N GLU A 389 -2.79 6.62 9.15
CA GLU A 389 -2.16 5.39 8.70
C GLU A 389 -2.99 4.72 7.60
N GLY A 390 -2.30 4.24 6.58
CA GLY A 390 -2.89 3.32 5.62
C GLY A 390 -3.54 3.93 4.38
N ALA A 391 -3.63 5.25 4.31
CA ALA A 391 -4.34 5.87 3.19
C ALA A 391 -3.59 5.70 1.88
N ASP A 392 -2.26 5.80 1.93
CA ASP A 392 -1.47 5.63 0.71
C ASP A 392 -1.66 4.23 0.12
N LYS A 393 -1.68 3.21 0.98
CA LYS A 393 -1.87 1.83 0.53
C LYS A 393 -3.23 1.61 -0.18
N ARG A 394 -4.33 2.06 0.43
CA ARG A 394 -5.66 1.84 -0.16
C ARG A 394 -5.79 2.57 -1.51
N ILE A 395 -5.21 3.75 -1.61
CA ILE A 395 -5.37 4.54 -2.84
C ILE A 395 -4.53 3.97 -3.98
N ASP A 396 -3.32 3.51 -3.68
CA ASP A 396 -2.51 2.82 -4.68
C ASP A 396 -3.17 1.56 -5.22
N VAL A 397 -3.80 0.79 -4.33
CA VAL A 397 -4.52 -0.41 -4.76
C VAL A 397 -5.68 -0.01 -5.68
N LEU A 398 -6.37 1.05 -5.32
CA LEU A 398 -7.52 1.48 -6.12
C LEU A 398 -7.08 2.08 -7.46
N SER A 399 -5.90 2.70 -7.48
CA SER A 399 -5.34 3.14 -8.75
C SER A 399 -5.13 1.94 -9.67
N MET A 400 -4.56 0.87 -9.14
CA MET A 400 -4.33 -0.35 -9.93
C MET A 400 -5.66 -0.95 -10.42
N ALA A 401 -6.68 -0.90 -9.57
CA ALA A 401 -8.02 -1.36 -9.93
C ALA A 401 -8.61 -0.55 -11.10
N MET A 402 -8.52 0.78 -11.00
CA MET A 402 -9.12 1.66 -12.00
C MET A 402 -8.41 1.58 -13.34
N MET A 403 -7.10 1.39 -13.27
CA MET A 403 -6.28 1.10 -14.44
C MET A 403 -6.92 -0.02 -15.26
N ASN A 404 -7.56 -0.94 -14.55
CA ASN A 404 -8.24 -2.07 -15.18
C ASN A 404 -9.76 -1.90 -15.28
N GLN A 405 -10.24 -0.71 -14.97
CA GLN A 405 -11.67 -0.39 -15.06
C GLN A 405 -12.53 -1.36 -14.26
N LEU A 406 -11.97 -1.83 -13.15
CA LEU A 406 -12.62 -2.76 -12.26
C LEU A 406 -13.87 -2.11 -11.66
N THR A 407 -14.92 -2.88 -11.43
CA THR A 407 -16.14 -2.30 -10.87
C THR A 407 -16.06 -2.22 -9.35
N VAL A 408 -16.93 -1.42 -8.76
CA VAL A 408 -16.99 -1.28 -7.31
C VAL A 408 -17.38 -2.60 -6.64
N ASP A 409 -18.18 -3.40 -7.32
CA ASP A 409 -18.66 -4.65 -6.75
C ASP A 409 -17.53 -5.67 -6.65
N GLU A 410 -16.56 -5.59 -7.55
CA GLU A 410 -15.45 -6.55 -7.58
C GLU A 410 -14.42 -6.32 -6.47
N LEU A 411 -14.51 -5.19 -5.77
CA LEU A 411 -13.60 -4.91 -4.65
C LEU A 411 -13.77 -5.95 -3.54
N THR A 412 -14.96 -6.52 -3.53
CA THR A 412 -15.30 -7.67 -2.71
C THR A 412 -14.27 -8.82 -2.84
N GLU A 413 -13.64 -8.92 -4.02
CA GLU A 413 -12.74 -10.02 -4.36
C GLU A 413 -11.27 -9.70 -4.11
N PHE A 414 -10.99 -8.48 -3.69
CA PHE A 414 -9.60 -8.07 -3.49
C PHE A 414 -8.98 -8.89 -2.37
N GLU A 415 -7.90 -9.60 -2.68
CA GLU A 415 -7.24 -10.44 -1.70
C GLU A 415 -6.11 -9.67 -0.99
N VAL A 416 -6.43 -9.16 0.19
CA VAL A 416 -5.50 -8.34 0.94
C VAL A 416 -4.45 -9.17 1.68
N ALA A 417 -3.33 -8.54 1.98
CA ALA A 417 -2.30 -9.12 2.82
C ALA A 417 -2.67 -8.84 4.26
N TYR A 418 -3.16 -9.87 4.97
CA TYR A 418 -3.64 -9.65 6.32
C TYR A 418 -2.77 -10.23 7.44
N ALA A 419 -2.32 -9.35 8.34
CA ALA A 419 -1.92 -9.70 9.70
C ALA A 419 -2.30 -8.47 10.54
N PRO A 420 -2.42 -8.61 11.88
CA PRO A 420 -2.95 -7.51 12.71
C PRO A 420 -2.31 -6.12 12.58
N PRO A 421 -1.00 -6.02 12.35
CA PRO A 421 -0.46 -4.66 12.21
C PRO A 421 -0.84 -3.97 10.90
N TYR A 422 -1.47 -4.69 9.96
CA TYR A 422 -1.58 -4.16 8.59
C TYR A 422 -2.97 -3.85 8.06
N SER A 423 -3.97 -4.64 8.45
CA SER A 423 -5.30 -4.52 7.88
C SER A 423 -6.36 -5.34 8.64
N HIS A 424 -7.37 -5.80 7.90
CA HIS A 424 -8.44 -6.69 8.42
C HIS A 424 -8.69 -7.81 7.42
N PRO A 425 -9.21 -8.96 7.89
CA PRO A 425 -9.60 -10.08 7.01
C PRO A 425 -10.57 -9.60 5.93
N LYS A 426 -11.48 -8.71 6.31
CA LYS A 426 -12.21 -7.92 5.33
C LYS A 426 -11.72 -6.48 5.41
N ASP A 427 -10.84 -6.12 4.49
CA ASP A 427 -10.23 -4.80 4.48
C ASP A 427 -11.29 -3.75 4.12
N LEU A 428 -10.98 -2.50 4.44
CA LEU A 428 -11.81 -1.37 4.04
C LEU A 428 -12.19 -1.42 2.56
N ILE A 429 -11.26 -1.91 1.74
CA ILE A 429 -11.53 -2.02 0.30
C ILE A 429 -12.59 -3.08 0.01
N ASN A 430 -12.49 -4.23 0.67
CA ASN A 430 -13.52 -5.25 0.52
C ASN A 430 -14.85 -4.69 1.00
N MET A 431 -14.81 -4.00 2.14
CA MET A 431 -16.01 -3.41 2.74
CA MET A 431 -16.03 -3.44 2.70
C MET A 431 -16.73 -2.42 1.81
N ILE A 432 -15.96 -1.71 0.98
CA ILE A 432 -16.58 -0.81 0.01
C ILE A 432 -17.43 -1.65 -0.96
N GLY A 433 -16.87 -2.76 -1.41
CA GLY A 433 -17.58 -3.68 -2.27
C GLY A 433 -18.84 -4.24 -1.61
N TYR A 434 -18.74 -4.65 -0.35
CA TYR A 434 -19.92 -5.22 0.31
C TYR A 434 -20.98 -4.14 0.55
N LYS A 435 -20.55 -2.90 0.75
CA LYS A 435 -21.50 -1.81 1.01
C LYS A 435 -22.11 -1.19 -0.24
N ALA A 436 -21.74 -1.69 -1.42
CA ALA A 436 -22.16 -1.05 -2.66
C ALA A 436 -23.52 -1.57 -3.13
N LYS A 437 -24.10 -2.47 -2.35
CA LYS A 437 -25.42 -3.01 -2.66
C LYS A 437 -26.49 -2.21 -1.96
N PRO B 1 -34.22 -22.87 5.77
CA PRO B 1 -33.68 -24.21 6.05
C PRO B 1 -33.07 -24.29 7.44
N LYS B 2 -32.95 -25.51 7.94
CA LYS B 2 -32.19 -25.71 9.17
C LYS B 2 -30.71 -25.82 8.81
N ILE B 3 -29.91 -24.99 9.47
CA ILE B 3 -28.49 -24.85 9.16
C ILE B 3 -27.61 -25.29 10.32
N VAL B 4 -26.79 -26.32 10.10
CA VAL B 4 -25.81 -26.72 11.11
C VAL B 4 -24.41 -26.31 10.66
N VAL B 5 -23.63 -25.77 11.59
CA VAL B 5 -22.26 -25.34 11.30
C VAL B 5 -21.29 -26.02 12.27
N VAL B 6 -20.16 -26.52 11.76
CA VAL B 6 -19.16 -27.15 12.62
C VAL B 6 -17.94 -26.24 12.76
N GLY B 7 -17.73 -25.73 13.98
CA GLY B 7 -16.64 -24.80 14.26
C GLY B 7 -17.18 -23.39 14.40
N ALA B 8 -16.80 -22.69 15.47
CA ALA B 8 -17.40 -21.37 15.75
C ALA B 8 -16.40 -20.20 15.78
N VAL B 9 -15.45 -20.21 14.86
CA VAL B 9 -14.42 -19.18 14.85
C VAL B 9 -14.37 -18.51 13.46
N ALA B 10 -13.23 -18.51 12.78
CA ALA B 10 -13.06 -17.64 11.62
C ALA B 10 -14.03 -17.90 10.46
N GLY B 11 -14.16 -19.14 10.06
CA GLY B 11 -15.11 -19.48 9.00
C GLY B 11 -16.52 -19.63 9.54
N GLY B 12 -16.67 -20.40 10.62
CA GLY B 12 -17.98 -20.79 11.14
C GLY B 12 -18.87 -19.68 11.65
N ALA B 13 -18.37 -18.92 12.64
CA ALA B 13 -19.17 -17.86 13.23
C ALA B 13 -19.45 -16.73 12.21
N THR B 14 -18.46 -16.44 11.37
CA THR B 14 -18.63 -15.46 10.30
C THR B 14 -19.72 -15.90 9.30
N CYS B 15 -19.67 -17.16 8.90
CA CYS B 15 -20.61 -17.63 7.90
C CYS B 15 -22.04 -17.58 8.44
N ALA B 16 -22.20 -18.03 9.69
CA ALA B 16 -23.50 -18.05 10.37
C ALA B 16 -24.06 -16.64 10.53
N SER B 17 -23.20 -15.70 10.91
CA SER B 17 -23.55 -14.29 11.03
C SER B 17 -24.01 -13.69 9.70
N GLN B 18 -23.26 -13.99 8.64
CA GLN B 18 -23.59 -13.52 7.29
C GLN B 18 -24.92 -14.08 6.79
N ILE B 19 -25.22 -15.32 7.15
CA ILE B 19 -26.48 -15.95 6.77
C ILE B 19 -27.65 -15.23 7.45
N ARG B 20 -27.51 -14.97 8.75
CA ARG B 20 -28.53 -14.27 9.52
C ARG B 20 -28.80 -12.89 8.95
N ARG B 21 -27.75 -12.28 8.42
CA ARG B 21 -27.86 -10.99 7.79
C ARG B 21 -28.86 -11.04 6.63
N LEU B 22 -28.91 -12.19 5.97
CA LEU B 22 -29.74 -12.37 4.79
C LEU B 22 -31.07 -13.07 5.08
N ASP B 23 -31.05 -13.99 6.04
CA ASP B 23 -32.18 -14.86 6.32
C ASP B 23 -32.48 -14.83 7.81
N LYS B 24 -33.61 -14.26 8.18
CA LYS B 24 -33.92 -14.03 9.59
C LYS B 24 -34.78 -15.12 10.20
N GLU B 25 -35.15 -16.11 9.39
CA GLU B 25 -36.14 -17.08 9.84
C GLU B 25 -35.56 -18.49 9.96
N SER B 26 -34.55 -18.79 9.15
CA SER B 26 -33.89 -20.08 9.24
C SER B 26 -33.37 -20.24 10.65
N ASP B 27 -33.41 -21.44 11.18
CA ASP B 27 -32.79 -21.77 12.46
CA ASP B 27 -32.74 -21.58 12.44
C ASP B 27 -31.32 -22.10 12.23
N ILE B 28 -30.42 -21.56 13.05
CA ILE B 28 -29.01 -21.81 12.86
C ILE B 28 -28.35 -22.30 14.14
N ILE B 29 -27.62 -23.40 14.04
CA ILE B 29 -26.90 -23.89 15.21
C ILE B 29 -25.44 -24.21 14.90
N ILE B 30 -24.54 -23.78 15.79
CA ILE B 30 -23.13 -24.07 15.66
C ILE B 30 -22.62 -24.96 16.78
N PHE B 31 -21.87 -26.00 16.43
CA PHE B 31 -21.17 -26.79 17.44
C PHE B 31 -19.69 -26.47 17.46
N GLU B 32 -19.16 -26.15 18.63
CA GLU B 32 -17.74 -25.89 18.82
C GLU B 32 -17.22 -26.81 19.91
N LYS B 33 -16.15 -27.54 19.61
CA LYS B 33 -15.69 -28.57 20.54
C LYS B 33 -15.00 -28.00 21.77
N ASP B 34 -14.37 -26.84 21.65
CA ASP B 34 -13.66 -26.27 22.78
C ASP B 34 -14.52 -25.25 23.53
N ARG B 35 -13.88 -24.49 24.41
CA ARG B 35 -14.58 -23.62 25.35
C ARG B 35 -15.15 -22.34 24.76
N ASP B 36 -14.41 -21.73 23.82
CA ASP B 36 -14.78 -20.40 23.32
C ASP B 36 -15.10 -20.38 21.83
N MET B 37 -16.03 -19.52 21.45
CA MET B 37 -16.33 -19.23 20.05
C MET B 37 -15.74 -17.87 19.73
N SER B 38 -15.56 -17.56 18.46
CA SER B 38 -15.21 -16.21 18.05
C SER B 38 -13.93 -15.66 18.69
N PHE B 39 -13.01 -16.52 19.08
CA PHE B 39 -11.76 -15.97 19.61
C PHE B 39 -10.92 -15.42 18.48
N ALA B 40 -10.02 -14.53 18.84
CA ALA B 40 -9.20 -13.86 17.85
C ALA B 40 -7.91 -14.62 17.65
N ASN B 41 -7.94 -15.65 16.79
CA ASN B 41 -6.74 -16.48 16.57
C ASN B 41 -5.48 -15.65 16.41
N CYS B 42 -5.59 -14.60 15.58
CA CYS B 42 -4.41 -13.83 15.18
C CYS B 42 -3.90 -12.87 16.23
N ALA B 43 -4.74 -12.63 17.24
CA ALA B 43 -4.35 -11.78 18.35
C ALA B 43 -3.55 -12.56 19.39
N LEU B 44 -3.64 -13.90 19.33
CA LEU B 44 -3.11 -14.74 20.40
C LEU B 44 -1.66 -14.47 20.81
N PRO B 45 -0.72 -14.37 19.85
CA PRO B 45 0.65 -14.08 20.29
C PRO B 45 0.77 -12.74 21.01
N TYR B 46 -0.04 -11.76 20.62
CA TYR B 46 0.05 -10.43 21.23
C TYR B 46 -0.55 -10.41 22.63
N VAL B 47 -1.48 -11.33 22.90
CA VAL B 47 -1.98 -11.53 24.25
C VAL B 47 -0.86 -12.07 25.14
N ILE B 48 -0.11 -13.04 24.62
CA ILE B 48 1.00 -13.64 25.34
C ILE B 48 2.10 -12.59 25.65
N GLY B 49 2.35 -11.71 24.68
CA GLY B 49 3.34 -10.66 24.86
C GLY B 49 2.87 -9.49 25.70
N GLU B 50 1.60 -9.54 26.14
CA GLU B 50 1.00 -8.46 26.92
C GLU B 50 0.88 -7.15 26.14
N VAL B 51 0.84 -7.27 24.81
CA VAL B 51 0.56 -6.13 23.95
C VAL B 51 -0.94 -5.90 23.97
N VAL B 52 -1.70 -6.99 23.91
CA VAL B 52 -3.14 -6.95 24.04
C VAL B 52 -3.45 -7.41 25.47
N GLU B 53 -4.15 -6.61 26.25
CA GLU B 53 -4.43 -6.99 27.63
C GLU B 53 -5.90 -6.94 28.02
N ASP B 54 -6.72 -6.41 27.13
CA ASP B 54 -8.15 -6.41 27.35
C ASP B 54 -8.72 -7.69 26.75
N ARG B 55 -9.43 -8.49 27.55
CA ARG B 55 -9.98 -9.74 27.04
C ARG B 55 -11.06 -9.49 25.98
N ARG B 56 -11.64 -8.29 25.98
CA ARG B 56 -12.64 -7.94 24.96
C ARG B 56 -12.04 -7.94 23.55
N TYR B 57 -10.72 -7.90 23.47
CA TYR B 57 -10.02 -8.00 22.19
C TYR B 57 -9.69 -9.45 21.83
N ALA B 58 -9.51 -10.29 22.84
CA ALA B 58 -9.14 -11.69 22.60
C ALA B 58 -10.35 -12.56 22.22
N LEU B 59 -11.54 -12.05 22.49
CA LEU B 59 -12.76 -12.83 22.34
C LEU B 59 -13.93 -11.92 21.98
N ALA B 60 -14.54 -12.16 20.82
CA ALA B 60 -15.58 -11.27 20.30
C ALA B 60 -16.97 -11.52 20.89
N TYR B 61 -17.28 -12.77 21.18
CA TYR B 61 -18.62 -13.13 21.61
C TYR B 61 -18.59 -14.27 22.61
N THR B 62 -19.61 -14.32 23.45
CA THR B 62 -19.98 -15.55 24.14
C THR B 62 -21.20 -16.07 23.43
N PRO B 63 -21.47 -17.38 23.55
CA PRO B 63 -22.69 -17.97 23.00
C PRO B 63 -23.96 -17.22 23.44
N GLU B 64 -23.99 -16.70 24.67
CA GLU B 64 -25.15 -15.96 25.14
C GLU B 64 -25.34 -14.67 24.37
N LYS B 65 -24.25 -13.92 24.20
CA LYS B 65 -24.31 -12.66 23.46
C LYS B 65 -24.68 -12.95 22.01
N PHE B 66 -24.06 -13.99 21.44
CA PHE B 66 -24.35 -14.39 20.08
C PHE B 66 -25.83 -14.68 19.84
N TYR B 67 -26.45 -15.42 20.75
CA TYR B 67 -27.86 -15.74 20.61
C TYR B 67 -28.70 -14.47 20.72
N ASP B 68 -28.36 -13.64 21.69
CA ASP B 68 -29.17 -12.47 21.98
C ASP B 68 -29.12 -11.44 20.87
N ARG B 69 -27.98 -11.30 20.22
CA ARG B 69 -27.92 -10.36 19.11
C ARG B 69 -28.39 -10.96 17.80
N LYS B 70 -28.04 -12.22 17.55
CA LYS B 70 -28.25 -12.77 16.22
C LYS B 70 -29.21 -13.96 16.13
N GLN B 71 -29.66 -14.47 17.28
CA GLN B 71 -30.57 -15.63 17.34
C GLN B 71 -29.93 -16.88 16.72
N ILE B 72 -28.63 -17.03 16.98
CA ILE B 72 -27.88 -18.19 16.51
C ILE B 72 -27.49 -18.98 17.74
N THR B 73 -27.83 -20.27 17.75
CA THR B 73 -27.54 -21.11 18.89
C THR B 73 -26.14 -21.69 18.78
N VAL B 74 -25.28 -21.39 19.74
CA VAL B 74 -23.93 -21.92 19.75
C VAL B 74 -23.69 -22.83 20.95
N LYS B 75 -23.40 -24.09 20.68
CA LYS B 75 -23.12 -25.07 21.72
C LYS B 75 -21.61 -25.32 21.82
N THR B 76 -20.97 -24.73 22.81
CA THR B 76 -19.56 -24.99 23.10
C THR B 76 -19.39 -26.33 23.84
N TYR B 77 -18.14 -26.80 23.93
CA TYR B 77 -17.82 -28.15 24.40
C TYR B 77 -18.70 -29.22 23.75
N HIS B 78 -19.07 -28.99 22.49
CA HIS B 78 -19.75 -30.01 21.71
C HIS B 78 -18.91 -30.36 20.50
N GLU B 79 -18.41 -31.59 20.48
CA GLU B 79 -17.55 -32.05 19.42
C GLU B 79 -18.35 -32.95 18.47
N VAL B 80 -18.44 -32.55 17.20
CA VAL B 80 -19.10 -33.40 16.23
C VAL B 80 -18.17 -34.58 15.92
N ILE B 81 -18.67 -35.81 16.06
CA ILE B 81 -17.81 -36.97 15.92
C ILE B 81 -18.09 -37.80 14.66
N ALA B 82 -19.14 -37.45 13.94
CA ALA B 82 -19.43 -38.14 12.69
C ALA B 82 -20.45 -37.36 11.89
N ILE B 83 -20.39 -37.53 10.57
CA ILE B 83 -21.38 -36.94 9.69
C ILE B 83 -22.16 -38.07 9.03
N ASN B 84 -23.46 -38.16 9.34
CA ASN B 84 -24.32 -39.19 8.77
C ASN B 84 -25.07 -38.60 7.59
N ASP B 85 -24.34 -38.42 6.49
CA ASP B 85 -24.86 -37.63 5.36
C ASP B 85 -26.08 -38.23 4.69
N GLU B 86 -26.20 -39.56 4.75
CA GLU B 86 -27.34 -40.20 4.09
C GLU B 86 -28.65 -39.95 4.83
N ARG B 87 -28.59 -39.73 6.14
CA ARG B 87 -29.81 -39.41 6.87
C ARG B 87 -29.89 -37.92 7.21
N GLN B 88 -28.90 -37.15 6.72
CA GLN B 88 -28.85 -35.71 6.98
C GLN B 88 -28.84 -35.39 8.47
N THR B 89 -27.94 -36.03 9.20
CA THR B 89 -27.68 -35.65 10.58
C THR B 89 -26.19 -35.66 10.86
N VAL B 90 -25.77 -34.97 11.92
CA VAL B 90 -24.44 -35.15 12.46
C VAL B 90 -24.57 -35.77 13.84
N SER B 91 -23.58 -36.58 14.23
CA SER B 91 -23.52 -37.10 15.58
C SER B 91 -22.61 -36.21 16.41
N VAL B 92 -23.11 -35.80 17.57
CA VAL B 92 -22.45 -34.78 18.37
C VAL B 92 -22.19 -35.30 19.77
N LEU B 93 -20.99 -35.06 20.29
CA LEU B 93 -20.69 -35.46 21.66
C LEU B 93 -20.67 -34.26 22.60
N ASN B 94 -21.64 -34.21 23.51
CA ASN B 94 -21.62 -33.23 24.59
C ASN B 94 -20.49 -33.60 25.56
N ARG B 95 -19.39 -32.86 25.49
CA ARG B 95 -18.20 -33.23 26.25
C ARG B 95 -18.36 -33.08 27.77
N LYS B 96 -19.37 -32.33 28.19
CA LYS B 96 -19.61 -32.14 29.61
C LYS B 96 -20.34 -33.32 30.25
N THR B 97 -21.24 -33.94 29.49
CA THR B 97 -22.04 -35.05 30.00
C THR B 97 -21.49 -36.38 29.50
N ASN B 98 -20.59 -36.30 28.53
CA ASN B 98 -20.19 -37.42 27.68
C ASN B 98 -21.34 -38.18 27.04
N GLU B 99 -22.45 -37.48 26.78
CA GLU B 99 -23.58 -38.03 26.07
C GLU B 99 -23.56 -37.57 24.61
N GLN B 100 -23.85 -38.49 23.68
CA GLN B 100 -23.90 -38.11 22.27
C GLN B 100 -25.31 -38.15 21.71
N PHE B 101 -25.53 -37.42 20.62
CA PHE B 101 -26.85 -37.34 20.01
C PHE B 101 -26.78 -36.93 18.55
N GLU B 102 -27.90 -37.08 17.86
CA GLU B 102 -28.00 -36.71 16.45
C GLU B 102 -28.64 -35.34 16.30
N GLU B 103 -28.10 -34.52 15.41
CA GLU B 103 -28.75 -33.26 15.07
C GLU B 103 -29.01 -33.24 13.58
N SER B 104 -30.22 -32.84 13.19
CA SER B 104 -30.59 -32.85 11.77
C SER B 104 -30.26 -31.52 11.12
N TYR B 105 -30.22 -31.51 9.80
CA TYR B 105 -29.93 -30.29 9.06
C TYR B 105 -30.54 -30.34 7.67
N ASP B 106 -30.83 -29.16 7.13
CA ASP B 106 -31.12 -28.99 5.72
C ASP B 106 -29.84 -28.59 4.98
N LYS B 107 -28.98 -27.82 5.65
CA LYS B 107 -27.67 -27.45 5.11
C LYS B 107 -26.61 -27.62 6.19
N LEU B 108 -25.49 -28.22 5.83
CA LEU B 108 -24.38 -28.40 6.75
C LEU B 108 -23.18 -27.60 6.25
N ILE B 109 -22.51 -26.89 7.16
CA ILE B 109 -21.34 -26.10 6.81
C ILE B 109 -20.15 -26.47 7.69
N LEU B 110 -19.10 -26.95 7.06
CA LEU B 110 -17.95 -27.45 7.78
C LEU B 110 -16.82 -26.42 7.81
N SER B 111 -16.49 -25.92 9.00
CA SER B 111 -15.32 -25.06 9.17
CA SER B 111 -15.27 -25.12 9.13
C SER B 111 -14.55 -25.42 10.44
N PRO B 112 -14.03 -26.67 10.53
CA PRO B 112 -13.32 -27.19 11.70
C PRO B 112 -11.87 -26.73 11.79
N GLY B 113 -11.35 -26.22 10.68
CA GLY B 113 -9.98 -25.72 10.67
C GLY B 113 -8.95 -26.81 10.90
N ALA B 114 -7.89 -26.45 11.62
CA ALA B 114 -6.75 -27.33 11.83
C ALA B 114 -6.25 -27.23 13.27
N SER B 115 -5.50 -28.25 13.71
CA SER B 115 -4.90 -28.29 15.04
C SER B 115 -3.37 -28.24 14.94
N ALA B 116 -2.75 -27.74 16.00
CA ALA B 116 -1.29 -27.70 16.06
C ALA B 116 -0.72 -29.11 16.21
N ASN B 117 0.37 -29.38 15.48
CA ASN B 117 1.12 -30.61 15.68
C ASN B 117 1.91 -30.50 16.98
N SER B 118 2.20 -31.64 17.58
CA SER B 118 3.07 -31.68 18.75
C SER B 118 4.24 -32.61 18.47
N LEU B 119 5.37 -32.36 19.13
CA LEU B 119 6.52 -33.24 18.98
C LEU B 119 6.33 -34.55 19.74
N GLY B 120 5.48 -34.54 20.75
CA GLY B 120 5.07 -35.78 21.39
C GLY B 120 5.86 -36.16 22.64
N PHE B 121 6.66 -35.23 23.15
CA PHE B 121 7.36 -35.47 24.39
C PHE B 121 6.38 -35.45 25.56
N GLU B 122 6.64 -36.30 26.55
CA GLU B 122 5.91 -36.22 27.80
C GLU B 122 6.56 -35.11 28.59
N SER B 123 5.86 -33.98 28.70
CA SER B 123 6.45 -32.80 29.28
C SER B 123 5.39 -31.88 29.85
N ASP B 124 5.56 -31.47 31.09
CA ASP B 124 4.63 -30.52 31.71
C ASP B 124 4.92 -29.07 31.29
N ILE B 125 6.08 -28.83 30.69
CA ILE B 125 6.49 -27.45 30.39
C ILE B 125 6.35 -27.10 28.90
N THR B 126 5.76 -27.98 28.13
CA THR B 126 5.65 -27.79 26.70
C THR B 126 4.23 -27.45 26.26
N PHE B 127 4.09 -26.42 25.43
CA PHE B 127 2.77 -25.95 24.98
C PHE B 127 2.71 -25.70 23.48
N THR B 128 1.51 -25.86 22.92
CA THR B 128 1.21 -25.40 21.55
C THR B 128 0.29 -24.19 21.63
N LEU B 129 0.13 -23.47 20.50
CA LEU B 129 -0.71 -22.28 20.46
C LEU B 129 -1.68 -22.32 19.28
N ARG B 130 -2.97 -22.47 19.57
CA ARG B 130 -3.97 -22.52 18.51
C ARG B 130 -5.24 -21.81 18.95
N ASN B 131 -5.52 -21.84 20.25
CA ASN B 131 -6.72 -21.16 20.73
C ASN B 131 -6.51 -20.39 22.02
N LEU B 132 -7.61 -19.89 22.57
CA LEU B 132 -7.56 -19.04 23.75
C LEU B 132 -7.37 -19.87 25.02
N GLU B 133 -7.83 -21.12 25.01
CA GLU B 133 -7.53 -22.04 26.11
C GLU B 133 -6.02 -22.19 26.22
N ASP B 134 -5.36 -22.42 25.07
CA ASP B 134 -3.90 -22.51 25.01
C ASP B 134 -3.26 -21.26 25.57
N THR B 135 -3.73 -20.11 25.10
CA THR B 135 -3.17 -18.83 25.50
C THR B 135 -3.29 -18.61 27.01
N ASP B 136 -4.45 -18.96 27.56
CA ASP B 136 -4.69 -18.86 29.00
C ASP B 136 -3.74 -19.79 29.79
N ALA B 137 -3.57 -21.00 29.29
CA ALA B 137 -2.68 -21.95 29.95
C ALA B 137 -1.23 -21.45 29.96
N ILE B 138 -0.74 -20.89 28.86
CA ILE B 138 0.63 -20.37 28.77
CA ILE B 138 0.66 -20.46 28.87
C ILE B 138 0.87 -19.20 29.71
N ASP B 139 -0.10 -18.28 29.71
CA ASP B 139 0.01 -17.11 30.56
C ASP B 139 0.09 -17.54 32.02
N GLN B 140 -0.72 -18.55 32.37
CA GLN B 140 -0.75 -19.07 33.73
C GLN B 140 0.51 -19.82 34.14
N PHE B 141 1.04 -20.63 33.23
CA PHE B 141 2.27 -21.36 33.49
C PHE B 141 3.44 -20.39 33.69
N ILE B 142 3.45 -19.32 32.91
CA ILE B 142 4.49 -18.31 33.01
C ILE B 142 4.50 -17.67 34.41
N LYS B 143 3.32 -17.26 34.88
CA LYS B 143 3.22 -16.63 36.18
C LYS B 143 3.49 -17.58 37.34
N ALA B 144 2.88 -18.76 37.29
CA ALA B 144 2.99 -19.69 38.41
C ALA B 144 4.41 -20.19 38.57
N ASN B 145 5.16 -20.22 37.48
CA ASN B 145 6.53 -20.76 37.52
C ASN B 145 7.63 -19.72 37.36
N GLN B 146 7.27 -18.44 37.38
CA GLN B 146 8.24 -17.36 37.21
C GLN B 146 9.19 -17.64 36.03
N VAL B 147 8.61 -17.99 34.89
CA VAL B 147 9.38 -18.31 33.69
C VAL B 147 10.25 -17.14 33.24
N ASP B 148 11.51 -17.43 32.96
CA ASP B 148 12.43 -16.44 32.39
C ASP B 148 12.82 -16.94 31.03
N LYS B 149 13.26 -18.19 31.00
CA LYS B 149 13.90 -18.75 29.83
C LYS B 149 12.97 -19.69 29.06
N VAL B 150 12.73 -19.36 27.80
CA VAL B 150 11.77 -20.11 27.00
C VAL B 150 12.39 -20.61 25.71
N LEU B 151 12.11 -21.86 25.37
CA LEU B 151 12.56 -22.37 24.09
C LEU B 151 11.42 -22.32 23.09
N VAL B 152 11.67 -21.68 21.95
CA VAL B 152 10.67 -21.63 20.89
C VAL B 152 11.09 -22.55 19.75
N VAL B 153 10.24 -23.52 19.43
CA VAL B 153 10.54 -24.45 18.36
C VAL B 153 9.71 -24.12 17.11
N GLY B 154 10.37 -24.05 15.96
CA GLY B 154 9.70 -23.76 14.70
C GLY B 154 9.99 -22.36 14.23
N ALA B 155 9.81 -22.10 12.93
CA ALA B 155 10.16 -20.80 12.39
C ALA B 155 9.15 -20.27 11.36
N GLY B 156 7.89 -20.63 11.55
CA GLY B 156 6.82 -20.08 10.74
C GLY B 156 6.31 -18.82 11.43
N TYR B 157 5.32 -18.17 10.84
CA TYR B 157 4.86 -16.88 11.38
C TYR B 157 4.34 -17.00 12.82
N VAL B 158 3.67 -18.10 13.15
CA VAL B 158 3.21 -18.33 14.52
C VAL B 158 4.36 -18.31 15.54
N SER B 159 5.42 -19.09 15.27
CA SER B 159 6.56 -19.16 16.18
C SER B 159 7.31 -17.84 16.24
N LEU B 160 7.42 -17.19 15.10
CA LEU B 160 8.12 -15.91 15.03
C LEU B 160 7.38 -14.84 15.85
N GLU B 161 6.05 -14.86 15.79
CA GLU B 161 5.28 -13.86 16.54
C GLU B 161 5.30 -14.16 18.02
N VAL B 162 5.31 -15.44 18.36
CA VAL B 162 5.38 -15.82 19.77
C VAL B 162 6.73 -15.41 20.34
N LEU B 163 7.79 -15.69 19.58
CA LEU B 163 9.12 -15.31 20.02
C LEU B 163 9.19 -13.82 20.31
N GLU B 164 8.78 -13.01 19.35
CA GLU B 164 8.88 -11.55 19.49
C GLU B 164 8.12 -11.08 20.72
N ASN B 165 6.93 -11.64 20.91
CA ASN B 165 6.09 -11.28 22.03
C ASN B 165 6.65 -11.71 23.38
N LEU B 166 7.27 -12.89 23.42
CA LEU B 166 7.92 -13.38 24.65
C LEU B 166 9.06 -12.46 25.03
N TYR B 167 9.81 -12.01 24.02
CA TYR B 167 10.89 -11.06 24.21
C TYR B 167 10.36 -9.76 24.79
N GLU B 168 9.30 -9.22 24.21
CA GLU B 168 8.75 -7.94 24.66
CA GLU B 168 8.76 -7.96 24.67
C GLU B 168 8.14 -8.02 26.05
N ARG B 169 7.72 -9.23 26.45
CA ARG B 169 7.15 -9.42 27.78
C ARG B 169 8.28 -9.36 28.82
N GLY B 170 9.51 -9.51 28.34
CA GLY B 170 10.66 -9.43 29.22
C GLY B 170 11.27 -10.80 29.48
N LEU B 171 10.85 -11.80 28.72
CA LEU B 171 11.41 -13.13 28.87
C LEU B 171 12.64 -13.31 27.98
N HIS B 172 13.28 -14.46 28.11
CA HIS B 172 14.48 -14.76 27.36
C HIS B 172 14.32 -16.01 26.50
N PRO B 173 13.83 -15.82 25.27
CA PRO B 173 13.59 -16.91 24.35
C PRO B 173 14.84 -17.28 23.56
N THR B 174 14.89 -18.54 23.16
CA THR B 174 15.85 -19.06 22.21
C THR B 174 15.01 -19.71 21.11
N LEU B 175 15.40 -19.54 19.86
CA LEU B 175 14.69 -20.15 18.74
C LEU B 175 15.49 -21.28 18.12
N ILE B 176 14.88 -22.42 17.91
CA ILE B 176 15.56 -23.45 17.13
C ILE B 176 14.65 -23.91 16.00
N HIS B 177 15.25 -24.43 14.94
CA HIS B 177 14.47 -25.00 13.85
C HIS B 177 15.26 -26.15 13.24
N ARG B 178 14.50 -27.16 12.81
CA ARG B 178 15.05 -28.44 12.34
C ARG B 178 15.94 -28.30 11.10
N SER B 179 15.75 -27.20 10.37
CA SER B 179 16.50 -26.96 9.14
C SER B 179 16.78 -25.47 9.10
N ASP B 180 17.24 -24.97 7.97
CA ASP B 180 17.48 -23.53 7.84
C ASP B 180 16.42 -22.83 6.98
N LYS B 181 15.40 -23.58 6.57
CA LYS B 181 14.32 -23.02 5.77
C LYS B 181 13.26 -22.38 6.67
N ILE B 182 13.57 -21.18 7.18
CA ILE B 182 12.63 -20.47 8.04
C ILE B 182 11.59 -19.72 7.17
N ASN B 183 10.48 -19.32 7.80
CA ASN B 183 9.45 -18.49 7.16
C ASN B 183 9.20 -18.85 5.68
N LYS B 184 8.69 -20.04 5.45
CA LYS B 184 8.81 -20.70 4.15
C LYS B 184 7.85 -20.19 3.08
N LEU B 185 6.94 -19.29 3.45
CA LEU B 185 6.08 -18.63 2.48
C LEU B 185 6.87 -17.54 1.75
N MET B 186 7.99 -17.13 2.34
CA MET B 186 8.88 -16.15 1.73
C MET B 186 10.06 -16.82 1.03
N ASP B 187 10.49 -16.24 -0.09
CA ASP B 187 11.71 -16.66 -0.77
C ASP B 187 12.85 -16.82 0.24
N ALA B 188 13.47 -18.00 0.22
CA ALA B 188 14.45 -18.39 1.23
C ALA B 188 15.56 -17.37 1.44
N ASP B 189 16.07 -16.80 0.35
CA ASP B 189 17.16 -15.82 0.46
C ASP B 189 16.69 -14.44 0.93
N MET B 190 15.39 -14.23 1.04
CA MET B 190 14.89 -12.92 1.46
C MET B 190 14.57 -12.87 2.96
N ASN B 191 14.83 -13.95 3.67
CA ASN B 191 14.59 -14.01 5.12
C ASN B 191 15.75 -13.62 6.04
N GLN B 192 16.88 -13.23 5.48
CA GLN B 192 18.03 -12.82 6.32
C GLN B 192 17.70 -11.85 7.47
N PRO B 193 16.81 -10.85 7.23
CA PRO B 193 16.58 -9.90 8.32
C PRO B 193 16.01 -10.52 9.60
N ILE B 194 15.37 -11.69 9.50
CA ILE B 194 14.92 -12.38 10.69
C ILE B 194 16.12 -12.67 11.60
N LEU B 195 17.14 -13.28 11.01
CA LEU B 195 18.36 -13.59 11.77
C LEU B 195 19.06 -12.32 12.28
N ASP B 196 19.08 -11.27 11.48
CA ASP B 196 19.69 -9.99 11.87
C ASP B 196 19.00 -9.37 13.09
N GLU B 197 17.67 -9.49 13.14
CA GLU B 197 16.89 -8.89 14.22
C GLU B 197 17.12 -9.64 15.53
N LEU B 198 17.28 -10.96 15.42
CA LEU B 198 17.64 -11.80 16.54
C LEU B 198 19.03 -11.40 17.07
N ASP B 199 19.99 -11.32 16.15
CA ASP B 199 21.38 -10.99 16.51
C ASP B 199 21.49 -9.61 17.17
N LYS B 200 20.81 -8.65 16.56
CA LYS B 200 20.76 -7.29 17.08
C LYS B 200 20.30 -7.25 18.54
N ARG B 201 19.35 -8.13 18.87
CA ARG B 201 18.81 -8.11 20.22
C ARG B 201 19.45 -9.19 21.09
N GLU B 202 20.48 -9.84 20.56
CA GLU B 202 21.19 -10.89 21.27
C GLU B 202 20.20 -11.97 21.69
N ILE B 203 19.30 -12.31 20.77
CA ILE B 203 18.42 -13.45 20.96
C ILE B 203 19.05 -14.67 20.28
N PRO B 204 19.34 -15.69 21.08
CA PRO B 204 20.04 -16.86 20.51
C PRO B 204 19.11 -17.68 19.62
N TYR B 205 19.71 -18.29 18.62
CA TYR B 205 18.99 -19.21 17.76
C TYR B 205 19.95 -20.26 17.26
N ARG B 206 19.43 -21.46 17.00
CA ARG B 206 20.22 -22.50 16.35
C ARG B 206 19.34 -23.14 15.29
N LEU B 207 19.83 -23.21 14.07
CA LEU B 207 19.10 -23.92 13.04
C LEU B 207 19.74 -25.28 12.88
N ASN B 208 19.08 -26.15 12.11
CA ASN B 208 19.46 -27.56 12.02
C ASN B 208 19.56 -28.15 13.41
N GLU B 209 18.61 -27.79 14.25
CA GLU B 209 18.63 -28.19 15.64
C GLU B 209 17.27 -28.72 16.07
N GLU B 210 17.28 -29.74 16.92
CA GLU B 210 16.05 -30.33 17.46
C GLU B 210 16.20 -30.72 18.91
N ILE B 211 15.06 -30.85 19.56
CA ILE B 211 14.98 -31.44 20.88
C ILE B 211 15.22 -32.93 20.73
N ASN B 212 16.15 -33.46 21.51
CA ASN B 212 16.43 -34.88 21.48
C ASN B 212 15.83 -35.59 22.69
N ALA B 213 15.96 -34.95 23.86
CA ALA B 213 15.37 -35.51 25.06
C ALA B 213 14.96 -34.41 26.04
N ILE B 214 13.96 -34.71 26.85
CA ILE B 214 13.47 -33.80 27.88
C ILE B 214 13.36 -34.50 29.22
N ASN B 215 13.96 -33.90 30.25
CA ASN B 215 13.89 -34.41 31.60
CA ASN B 215 13.91 -34.43 31.61
C ASN B 215 13.73 -33.26 32.58
N GLY B 216 12.48 -32.98 32.94
CA GLY B 216 12.19 -31.81 33.75
C GLY B 216 12.52 -30.58 32.93
N ASN B 217 13.38 -29.71 33.48
CA ASN B 217 13.79 -28.51 32.79
C ASN B 217 15.09 -28.70 31.99
N GLU B 218 15.69 -29.88 32.10
CA GLU B 218 16.93 -30.17 31.39
C GLU B 218 16.61 -30.65 29.97
N ILE B 219 17.04 -29.85 29.00
CA ILE B 219 16.73 -30.16 27.61
C ILE B 219 18.00 -30.57 26.87
N THR B 220 17.96 -31.75 26.28
CA THR B 220 19.10 -32.27 25.53
C THR B 220 18.82 -32.21 24.04
N PHE B 221 19.75 -31.65 23.28
CA PHE B 221 19.49 -31.41 21.85
C PHE B 221 20.25 -32.35 20.92
N LYS B 222 19.81 -32.37 19.67
CA LYS B 222 20.37 -33.19 18.62
C LYS B 222 21.84 -32.85 18.38
N SER B 223 22.19 -31.59 18.62
CA SER B 223 23.55 -31.12 18.40
C SER B 223 24.47 -31.61 19.50
N GLY B 224 23.88 -32.16 20.56
CA GLY B 224 24.65 -32.71 21.67
C GLY B 224 24.63 -31.73 22.83
N LYS B 225 24.06 -30.56 22.60
CA LYS B 225 24.01 -29.52 23.62
CA LYS B 225 24.02 -29.53 23.62
C LYS B 225 22.99 -29.81 24.70
N VAL B 226 23.24 -29.28 25.90
CA VAL B 226 22.33 -29.44 27.01
C VAL B 226 22.08 -28.12 27.70
N GLU B 227 20.82 -27.70 27.80
CA GLU B 227 20.51 -26.54 28.60
C GLU B 227 19.25 -26.68 29.41
N HIS B 228 19.01 -25.66 30.22
CA HIS B 228 17.83 -25.63 31.04
C HIS B 228 16.88 -24.52 30.63
N TYR B 229 15.62 -24.89 30.52
CA TYR B 229 14.56 -23.97 30.12
C TYR B 229 13.38 -24.14 31.05
N ASP B 230 12.67 -23.05 31.28
CA ASP B 230 11.49 -23.05 32.12
C ASP B 230 10.22 -23.43 31.35
N MET B 231 10.27 -23.29 30.03
CA MET B 231 9.07 -23.49 29.23
C MET B 231 9.45 -23.74 27.78
N ILE B 232 8.55 -24.41 27.05
CA ILE B 232 8.75 -24.64 25.63
C ILE B 232 7.44 -24.39 24.87
N ILE B 233 7.54 -23.70 23.74
CA ILE B 233 6.40 -23.51 22.84
C ILE B 233 6.75 -24.15 21.50
N GLU B 234 5.96 -25.14 21.10
CA GLU B 234 6.17 -25.85 19.84
C GLU B 234 5.27 -25.27 18.75
N GLY B 235 5.88 -24.88 17.64
CA GLY B 235 5.15 -24.38 16.48
C GLY B 235 5.68 -25.15 15.28
N VAL B 236 5.29 -26.41 15.19
CA VAL B 236 5.90 -27.33 14.25
C VAL B 236 4.84 -27.83 13.27
N GLY B 237 4.06 -26.88 12.77
CA GLY B 237 3.09 -27.14 11.70
C GLY B 237 1.71 -27.47 12.26
N THR B 238 0.76 -27.70 11.35
CA THR B 238 -0.59 -28.09 11.73
C THR B 238 -1.09 -29.23 10.89
N HIS B 239 -2.24 -29.78 11.29
CA HIS B 239 -2.89 -30.82 10.54
C HIS B 239 -4.40 -30.57 10.57
N PRO B 240 -5.10 -31.00 9.51
CA PRO B 240 -6.55 -30.76 9.33
C PRO B 240 -7.44 -31.55 10.31
N ASN B 241 -8.45 -30.90 10.86
CA ASN B 241 -9.43 -31.57 11.72
C ASN B 241 -10.51 -32.29 10.90
N SER B 242 -10.12 -33.36 10.21
CA SER B 242 -11.04 -34.04 9.30
C SER B 242 -11.27 -35.51 9.63
N LYS B 243 -10.74 -35.94 10.76
CA LYS B 243 -10.90 -37.34 11.18
CA LYS B 243 -10.90 -37.34 11.18
C LYS B 243 -12.37 -37.72 11.32
N PHE B 244 -13.16 -36.80 11.88
CA PHE B 244 -14.56 -37.06 12.11
C PHE B 244 -15.36 -37.17 10.79
N ILE B 245 -14.73 -36.79 9.69
CA ILE B 245 -15.38 -36.75 8.37
C ILE B 245 -15.12 -38.03 7.57
N GLU B 246 -14.08 -38.77 7.96
CA GLU B 246 -13.61 -39.91 7.16
C GLU B 246 -14.63 -41.02 6.86
N SER B 247 -15.54 -41.27 7.80
CA SER B 247 -16.55 -42.32 7.62
C SER B 247 -17.69 -41.94 6.66
N SER B 248 -17.82 -40.63 6.39
CA SER B 248 -18.93 -40.14 5.58
C SER B 248 -18.66 -40.32 4.10
N ASN B 249 -19.63 -39.93 3.28
CA ASN B 249 -19.43 -39.90 1.83
C ASN B 249 -18.69 -38.66 1.30
N ILE B 250 -18.23 -37.81 2.20
CA ILE B 250 -17.50 -36.61 1.80
C ILE B 250 -16.11 -36.95 1.31
N LYS B 251 -15.80 -36.50 0.10
CA LYS B 251 -14.49 -36.73 -0.51
C LYS B 251 -13.40 -35.90 0.17
N LEU B 252 -12.34 -36.58 0.61
CA LEU B 252 -11.18 -35.93 1.19
C LEU B 252 -9.97 -36.24 0.32
N ASP B 253 -8.97 -35.36 0.31
CA ASP B 253 -7.76 -35.69 -0.41
C ASP B 253 -6.85 -36.53 0.50
N ARG B 254 -5.74 -37.02 -0.05
CA ARG B 254 -4.90 -37.94 0.71
C ARG B 254 -4.24 -37.27 1.92
N LYS B 255 -4.28 -35.94 1.99
CA LYS B 255 -3.71 -35.24 3.14
C LYS B 255 -4.77 -34.83 4.16
N GLY B 256 -6.03 -35.14 3.86
CA GLY B 256 -7.11 -34.91 4.80
C GLY B 256 -7.82 -33.58 4.63
N PHE B 257 -7.69 -32.97 3.45
CA PHE B 257 -8.40 -31.73 3.17
C PHE B 257 -9.62 -32.02 2.32
N ILE B 258 -10.50 -31.02 2.20
CA ILE B 258 -11.74 -31.21 1.47
C ILE B 258 -11.75 -30.37 0.20
N PRO B 259 -11.62 -31.03 -0.96
CA PRO B 259 -11.71 -30.28 -2.22
C PRO B 259 -13.12 -29.74 -2.41
N VAL B 260 -13.24 -28.47 -2.77
CA VAL B 260 -14.56 -27.85 -3.00
C VAL B 260 -14.62 -27.15 -4.33
N ASN B 261 -15.85 -26.93 -4.82
CA ASN B 261 -16.02 -26.10 -6.01
C ASN B 261 -16.12 -24.63 -5.65
N ASP B 262 -16.44 -23.80 -6.65
CA ASP B 262 -16.42 -22.35 -6.47
C ASP B 262 -17.61 -21.82 -5.69
N LYS B 263 -18.49 -22.71 -5.26
CA LYS B 263 -19.55 -22.34 -4.35
C LYS B 263 -19.26 -22.93 -2.98
N PHE B 264 -18.05 -23.44 -2.84
CA PHE B 264 -17.62 -24.12 -1.61
C PHE B 264 -18.51 -25.30 -1.25
N GLU B 265 -19.03 -25.97 -2.28
CA GLU B 265 -19.73 -27.23 -2.14
C GLU B 265 -18.76 -28.39 -2.12
N THR B 266 -19.02 -29.36 -1.25
CA THR B 266 -18.36 -30.65 -1.33
C THR B 266 -19.09 -31.47 -2.39
N ASN B 267 -18.63 -32.70 -2.58
CA ASN B 267 -19.27 -33.64 -3.50
C ASN B 267 -20.67 -34.04 -3.02
N VAL B 268 -20.95 -33.80 -1.74
CA VAL B 268 -22.24 -34.17 -1.16
C VAL B 268 -23.22 -33.01 -1.10
N PRO B 269 -24.39 -33.20 -1.74
CA PRO B 269 -25.52 -32.26 -1.72
C PRO B 269 -25.74 -31.69 -0.33
N ASN B 270 -25.87 -30.36 -0.26
CA ASN B 270 -26.25 -29.67 0.95
C ASN B 270 -25.12 -29.53 1.98
N ILE B 271 -23.94 -29.99 1.61
CA ILE B 271 -22.77 -29.87 2.49
C ILE B 271 -21.69 -28.97 1.88
N TYR B 272 -21.34 -27.92 2.61
CA TYR B 272 -20.32 -26.94 2.21
C TYR B 272 -19.07 -27.10 3.09
N ALA B 273 -17.92 -26.66 2.59
CA ALA B 273 -16.71 -26.62 3.41
C ALA B 273 -15.88 -25.37 3.10
N ILE B 274 -15.39 -24.71 4.16
CA ILE B 274 -14.70 -23.42 4.02
C ILE B 274 -13.56 -23.36 5.05
N GLY B 275 -12.70 -22.36 4.93
CA GLY B 275 -11.62 -22.19 5.89
C GLY B 275 -10.43 -23.09 5.60
N ASP B 276 -9.58 -23.29 6.61
CA ASP B 276 -8.35 -24.07 6.47
C ASP B 276 -8.56 -25.50 5.98
N ILE B 277 -9.78 -26.03 6.15
CA ILE B 277 -10.02 -27.42 5.78
C ILE B 277 -10.22 -27.57 4.26
N ALA B 278 -10.62 -26.48 3.62
CA ALA B 278 -11.04 -26.53 2.22
C ALA B 278 -9.86 -26.28 1.29
N THR B 279 -9.83 -26.99 0.16
CA THR B 279 -8.90 -26.64 -0.91
C THR B 279 -9.64 -26.24 -2.17
N SER B 280 -8.97 -25.44 -2.98
CA SER B 280 -9.59 -24.83 -4.14
C SER B 280 -8.53 -24.72 -5.24
N HIS B 281 -8.47 -23.58 -5.91
CA HIS B 281 -7.51 -23.40 -6.98
C HIS B 281 -7.03 -21.96 -7.00
N TYR B 282 -5.92 -21.72 -7.69
CA TYR B 282 -5.45 -20.34 -7.89
C TYR B 282 -6.37 -19.57 -8.84
N ARG B 283 -6.39 -18.26 -8.68
CA ARG B 283 -7.19 -17.41 -9.56
C ARG B 283 -6.46 -17.14 -10.88
N HIS B 284 -5.14 -17.01 -10.80
CA HIS B 284 -4.36 -16.51 -11.93
C HIS B 284 -3.60 -17.59 -12.69
N VAL B 285 -3.60 -18.81 -12.15
CA VAL B 285 -3.03 -19.96 -12.85
C VAL B 285 -3.88 -21.18 -12.58
N ASP B 286 -3.85 -22.12 -13.52
CA ASP B 286 -4.65 -23.33 -13.42
C ASP B 286 -3.97 -24.37 -12.53
N LEU B 287 -3.87 -24.07 -11.24
CA LEU B 287 -3.28 -25.01 -10.29
C LEU B 287 -4.14 -25.05 -9.04
N PRO B 288 -4.09 -26.17 -8.30
CA PRO B 288 -4.79 -26.26 -7.02
C PRO B 288 -4.12 -25.35 -6.00
N ALA B 289 -4.90 -24.90 -5.03
CA ALA B 289 -4.36 -24.00 -4.05
C ALA B 289 -5.00 -24.28 -2.71
N SER B 290 -4.20 -24.19 -1.65
CA SER B 290 -4.71 -24.25 -0.29
C SER B 290 -4.09 -23.07 0.43
N VAL B 291 -4.93 -22.17 0.93
CA VAL B 291 -4.42 -20.96 1.58
C VAL B 291 -5.10 -20.80 2.91
N PRO B 292 -4.55 -21.47 3.93
CA PRO B 292 -5.22 -21.47 5.24
C PRO B 292 -4.92 -20.18 6.01
N LEU B 293 -5.57 -19.10 5.60
CA LEU B 293 -5.39 -17.79 6.25
C LEU B 293 -6.74 -17.13 6.46
N ALA B 294 -6.73 -16.01 7.17
CA ALA B 294 -7.98 -15.35 7.57
C ALA B 294 -8.84 -14.89 6.39
N TRP B 295 -8.19 -14.32 5.37
CA TRP B 295 -8.94 -13.76 4.24
C TRP B 295 -9.81 -14.78 3.54
N GLY B 296 -9.26 -15.97 3.28
CA GLY B 296 -10.00 -17.01 2.60
C GLY B 296 -11.19 -17.49 3.41
N ALA B 297 -11.02 -17.53 4.74
CA ALA B 297 -12.09 -17.99 5.62
C ALA B 297 -13.27 -17.02 5.59
N HIS B 298 -12.97 -15.73 5.66
CA HIS B 298 -14.02 -14.72 5.65
C HIS B 298 -14.70 -14.60 4.30
N ARG B 299 -13.92 -14.73 3.23
CA ARG B 299 -14.49 -14.57 1.89
C ARG B 299 -15.43 -15.72 1.57
N ALA B 300 -14.99 -16.94 1.88
CA ALA B 300 -15.83 -18.14 1.71
C ALA B 300 -17.08 -18.06 2.58
N ALA B 301 -16.95 -17.53 3.78
CA ALA B 301 -18.09 -17.39 4.68
C ALA B 301 -19.18 -16.56 4.00
N SER B 302 -18.76 -15.46 3.39
CA SER B 302 -19.68 -14.58 2.65
C SER B 302 -20.28 -15.25 1.40
N ILE B 303 -19.45 -15.97 0.65
CA ILE B 303 -19.92 -16.67 -0.55
C ILE B 303 -20.93 -17.78 -0.20
N VAL B 304 -20.66 -18.52 0.87
CA VAL B 304 -21.59 -19.57 1.28
C VAL B 304 -22.90 -18.96 1.74
N ALA B 305 -22.81 -17.83 2.44
CA ALA B 305 -24.00 -17.11 2.87
C ALA B 305 -24.87 -16.71 1.67
N GLU B 306 -24.25 -16.17 0.62
CA GLU B 306 -25.01 -15.81 -0.58
C GLU B 306 -25.62 -17.06 -1.21
N GLN B 307 -24.86 -18.15 -1.28
CA GLN B 307 -25.34 -19.38 -1.89
C GLN B 307 -26.61 -19.91 -1.22
N ILE B 308 -26.60 -19.92 0.10
CA ILE B 308 -27.70 -20.50 0.87
C ILE B 308 -28.90 -19.57 0.92
N ALA B 309 -28.66 -18.28 1.13
CA ALA B 309 -29.75 -17.35 1.41
C ALA B 309 -29.74 -16.07 0.58
N GLY B 310 -28.77 -15.93 -0.32
CA GLY B 310 -28.72 -14.74 -1.14
C GLY B 310 -28.64 -15.03 -2.63
N ASN B 311 -27.66 -14.40 -3.28
CA ASN B 311 -27.48 -14.49 -4.72
C ASN B 311 -26.55 -15.63 -5.12
N ASP B 312 -27.13 -16.77 -5.49
CA ASP B 312 -26.31 -17.93 -5.82
C ASP B 312 -25.51 -17.83 -7.13
N THR B 313 -25.58 -16.68 -7.81
CA THR B 313 -24.70 -16.46 -8.96
C THR B 313 -23.30 -16.10 -8.48
N ILE B 314 -23.20 -15.70 -7.21
CA ILE B 314 -21.91 -15.32 -6.64
C ILE B 314 -21.03 -16.54 -6.35
N GLU B 315 -19.85 -16.57 -6.96
CA GLU B 315 -18.95 -17.70 -6.86
C GLU B 315 -17.52 -17.25 -6.65
N PHE B 316 -16.74 -18.13 -6.05
CA PHE B 316 -15.31 -17.91 -5.84
C PHE B 316 -14.59 -17.88 -7.17
N LYS B 317 -13.54 -17.07 -7.27
CA LYS B 317 -12.74 -17.06 -8.48
C LYS B 317 -11.33 -17.64 -8.29
N GLY B 318 -11.03 -18.15 -7.10
CA GLY B 318 -9.71 -18.69 -6.85
C GLY B 318 -8.87 -17.84 -5.93
N PHE B 319 -7.79 -18.43 -5.41
CA PHE B 319 -6.90 -17.78 -4.47
C PHE B 319 -5.71 -17.10 -5.17
N LEU B 320 -5.18 -16.06 -4.54
CA LEU B 320 -3.88 -15.51 -4.97
C LEU B 320 -2.76 -15.88 -3.98
N GLY B 321 -3.14 -16.20 -2.73
CA GLY B 321 -2.17 -16.59 -1.73
C GLY B 321 -1.40 -15.43 -1.12
N ASN B 322 -2.08 -14.30 -0.95
CA ASN B 322 -1.47 -13.15 -0.31
C ASN B 322 -1.30 -13.40 1.19
N ASN B 323 -0.11 -13.08 1.71
CA ASN B 323 0.22 -13.34 3.10
C ASN B 323 1.30 -12.39 3.58
N ILE B 324 1.39 -12.20 4.89
CA ILE B 324 2.31 -11.19 5.43
C ILE B 324 2.56 -11.48 6.91
N VAL B 325 3.75 -11.16 7.39
CA VAL B 325 4.04 -11.26 8.81
C VAL B 325 5.00 -10.15 9.23
N LYS B 326 4.79 -9.62 10.43
CA LYS B 326 5.73 -8.66 11.00
C LYS B 326 6.70 -9.41 11.92
N PHE B 327 7.99 -9.09 11.81
CA PHE B 327 8.95 -9.61 12.78
C PHE B 327 9.88 -8.49 13.22
N PHE B 328 9.71 -8.07 14.46
CA PHE B 328 10.38 -6.88 14.99
C PHE B 328 10.19 -5.67 14.06
N ASP B 329 11.26 -5.17 13.46
CA ASP B 329 11.12 -3.96 12.63
C ASP B 329 10.75 -4.24 11.18
N TYR B 330 10.77 -5.51 10.77
CA TYR B 330 10.60 -5.85 9.35
C TYR B 330 9.24 -6.45 9.02
N THR B 331 8.86 -6.27 7.76
CA THR B 331 7.63 -6.84 7.23
C THR B 331 8.03 -7.81 6.14
N PHE B 332 7.38 -8.97 6.08
CA PHE B 332 7.69 -9.97 5.07
C PHE B 332 6.41 -10.36 4.37
N ALA B 333 6.30 -10.08 3.07
CA ALA B 333 5.05 -10.31 2.37
C ALA B 333 5.22 -10.96 1.00
N SER B 334 4.28 -11.83 0.64
CA SER B 334 4.32 -12.46 -0.67
C SER B 334 2.93 -12.71 -1.20
N VAL B 335 2.81 -12.93 -2.50
CA VAL B 335 1.53 -13.25 -3.10
C VAL B 335 1.79 -14.06 -4.37
N GLY B 336 0.86 -14.92 -4.74
CA GLY B 336 1.01 -15.72 -5.94
C GLY B 336 1.37 -17.16 -5.58
N VAL B 337 1.90 -17.90 -6.53
CA VAL B 337 2.26 -19.29 -6.25
C VAL B 337 3.43 -19.35 -5.27
N LYS B 338 3.50 -20.46 -4.55
CA LYS B 338 4.54 -20.68 -3.56
C LYS B 338 5.87 -20.93 -4.28
N PRO B 339 6.99 -20.71 -3.57
CA PRO B 339 8.33 -20.90 -4.16
C PRO B 339 8.43 -22.26 -4.85
N ASN B 340 7.92 -23.30 -4.20
CA ASN B 340 8.02 -24.65 -4.73
C ASN B 340 7.14 -24.90 -5.96
N GLU B 341 6.17 -24.03 -6.19
CA GLU B 341 5.25 -24.20 -7.33
C GLU B 341 5.74 -23.51 -8.59
N LEU B 342 6.81 -22.73 -8.48
CA LEU B 342 7.37 -22.01 -9.62
C LEU B 342 7.88 -22.93 -10.72
N LYS B 343 8.45 -24.07 -10.31
CA LYS B 343 9.08 -24.98 -11.27
C LYS B 343 8.08 -25.55 -12.28
N GLN B 344 6.80 -25.36 -12.00
CA GLN B 344 5.76 -25.80 -12.94
C GLN B 344 5.61 -24.83 -14.09
N PHE B 345 6.37 -23.73 -14.01
CA PHE B 345 6.34 -22.73 -15.05
C PHE B 345 7.73 -22.45 -15.56
N ASP B 346 7.78 -22.03 -16.82
CA ASP B 346 8.95 -21.43 -17.40
C ASP B 346 8.89 -19.95 -17.03
N TYR B 347 9.69 -19.55 -16.06
CA TYR B 347 9.57 -18.20 -15.52
C TYR B 347 10.90 -17.47 -15.59
N LYS B 348 10.84 -16.16 -15.41
CA LYS B 348 12.03 -15.39 -15.09
C LYS B 348 11.74 -14.54 -13.88
N MET B 349 12.81 -14.02 -13.30
CA MET B 349 12.71 -13.18 -12.11
C MET B 349 13.28 -11.80 -12.41
N VAL B 350 12.65 -10.78 -11.83
CA VAL B 350 13.19 -9.43 -11.84
C VAL B 350 13.13 -8.91 -10.41
N GLU B 351 14.06 -8.06 -10.02
CA GLU B 351 14.01 -7.52 -8.67
C GLU B 351 14.67 -6.16 -8.55
N VAL B 352 14.26 -5.43 -7.52
CA VAL B 352 14.77 -4.10 -7.26
C VAL B 352 14.91 -3.91 -5.75
N THR B 353 15.98 -3.24 -5.34
CA THR B 353 16.13 -2.83 -3.95
C THR B 353 16.27 -1.33 -3.93
N GLN B 354 15.47 -0.66 -3.11
CA GLN B 354 15.38 0.78 -3.16
CA GLN B 354 15.40 0.78 -3.15
C GLN B 354 14.77 1.32 -1.87
N GLY B 355 15.06 2.57 -1.55
CA GLY B 355 14.42 3.19 -0.40
C GLY B 355 12.91 3.15 -0.60
N ALA B 356 12.18 2.84 0.46
CA ALA B 356 10.71 2.84 0.42
C ALA B 356 10.18 4.22 0.04
N HIS B 357 10.95 5.25 0.38
CA HIS B 357 10.56 6.61 0.02
C HIS B 357 11.78 7.44 -0.34
N ALA B 358 11.62 8.77 -0.31
CA ALA B 358 12.71 9.68 -0.63
C ALA B 358 13.89 9.49 0.31
N ASN B 359 15.10 9.42 -0.24
CA ASN B 359 16.31 9.25 0.58
C ASN B 359 16.50 10.35 1.61
N TYR B 360 16.24 11.58 1.18
CA TYR B 360 16.43 12.76 2.02
C TYR B 360 15.30 12.91 3.00
N TYR B 361 14.24 12.14 2.81
CA TYR B 361 13.20 12.13 3.80
C TYR B 361 13.69 11.21 4.90
N PRO B 362 13.67 11.70 6.13
CA PRO B 362 14.26 11.01 7.27
C PRO B 362 13.47 9.74 7.59
N GLY B 363 14.17 8.67 7.93
CA GLY B 363 13.52 7.43 8.32
C GLY B 363 13.45 6.41 7.21
N ASN B 364 14.28 6.58 6.18
CA ASN B 364 14.28 5.66 5.05
C ASN B 364 14.89 4.30 5.39
N SER B 365 14.41 3.27 4.71
CA SER B 365 14.95 1.94 4.83
C SER B 365 14.82 1.29 3.48
N PRO B 366 15.80 0.45 3.11
CA PRO B 366 15.69 -0.14 1.78
C PRO B 366 14.59 -1.19 1.73
N LEU B 367 13.96 -1.30 0.56
CA LEU B 367 12.87 -2.24 0.36
C LEU B 367 13.24 -3.09 -0.82
N HIS B 368 13.21 -4.40 -0.62
CA HIS B 368 13.54 -5.33 -1.68
C HIS B 368 12.24 -5.85 -2.27
N LEU B 369 12.05 -5.66 -3.57
CA LEU B 369 10.85 -6.15 -4.24
C LEU B 369 11.26 -7.12 -5.35
N ARG B 370 10.65 -8.29 -5.36
CA ARG B 370 10.97 -9.31 -6.35
C ARG B 370 9.69 -9.79 -7.01
N VAL B 371 9.73 -9.97 -8.33
CA VAL B 371 8.57 -10.41 -9.10
C VAL B 371 8.96 -11.49 -10.08
N TYR B 372 8.20 -12.58 -10.10
CA TYR B 372 8.39 -13.65 -11.06
C TYR B 372 7.29 -13.61 -12.08
N TYR B 373 7.63 -13.85 -13.34
CA TYR B 373 6.61 -13.90 -14.37
C TYR B 373 6.82 -15.03 -15.34
N ASP B 374 5.76 -15.37 -16.06
CA ASP B 374 5.75 -16.43 -17.05
C ASP B 374 6.30 -15.92 -18.39
N THR B 375 7.28 -16.61 -18.95
CA THR B 375 7.90 -16.18 -20.20
C THR B 375 6.98 -16.36 -21.41
N SER B 376 6.01 -17.24 -21.29
CA SER B 376 5.16 -17.58 -22.43
C SER B 376 4.01 -16.59 -22.64
N ASN B 377 3.74 -15.76 -21.64
CA ASN B 377 2.63 -14.81 -21.75
C ASN B 377 2.82 -13.53 -20.93
N ARG B 378 3.96 -13.44 -20.24
CA ARG B 378 4.33 -12.26 -19.45
C ARG B 378 3.46 -12.04 -18.22
N GLN B 379 2.63 -13.02 -17.86
CA GLN B 379 1.77 -12.90 -16.69
CA GLN B 379 1.77 -12.90 -16.69
C GLN B 379 2.57 -12.99 -15.41
N ILE B 380 2.13 -12.26 -14.39
CA ILE B 380 2.79 -12.29 -13.09
C ILE B 380 2.42 -13.59 -12.35
N LEU B 381 3.43 -14.29 -11.85
CA LEU B 381 3.21 -15.56 -11.16
C LEU B 381 3.32 -15.42 -9.65
N ARG B 382 4.26 -14.58 -9.21
CA ARG B 382 4.56 -14.46 -7.79
C ARG B 382 5.28 -13.15 -7.54
N ALA B 383 5.07 -12.57 -6.37
CA ALA B 383 5.86 -11.42 -5.95
C ALA B 383 6.16 -11.53 -4.47
N ALA B 384 7.26 -10.94 -4.04
CA ALA B 384 7.61 -10.97 -2.62
C ALA B 384 8.31 -9.68 -2.25
N ALA B 385 8.04 -9.18 -1.05
CA ALA B 385 8.62 -7.92 -0.62
C ALA B 385 9.04 -7.97 0.84
N VAL B 386 10.22 -7.41 1.13
CA VAL B 386 10.76 -7.39 2.48
C VAL B 386 11.44 -6.06 2.75
N GLY B 387 11.12 -5.43 3.87
CA GLY B 387 11.77 -4.20 4.26
C GLY B 387 11.07 -3.66 5.49
N LYS B 388 11.64 -2.63 6.13
CA LYS B 388 11.01 -2.09 7.33
C LYS B 388 9.79 -1.24 6.98
N GLU B 389 9.76 -0.74 5.74
CA GLU B 389 8.70 0.14 5.30
C GLU B 389 8.22 -0.19 3.88
N GLY B 390 6.90 -0.14 3.68
CA GLY B 390 6.31 -0.15 2.34
C GLY B 390 6.03 -1.48 1.69
N ALA B 391 6.38 -2.58 2.36
CA ALA B 391 6.23 -3.91 1.78
C ALA B 391 4.76 -4.31 1.61
N ASP B 392 3.93 -3.99 2.58
CA ASP B 392 2.50 -4.33 2.51
C ASP B 392 1.81 -3.62 1.35
N LYS B 393 2.17 -2.36 1.15
CA LYS B 393 1.58 -1.57 0.07
C LYS B 393 1.91 -2.17 -1.29
N ARG B 394 3.20 -2.46 -1.49
CA ARG B 394 3.66 -3.03 -2.75
C ARG B 394 2.97 -4.36 -3.05
N ILE B 395 2.89 -5.24 -2.06
CA ILE B 395 2.25 -6.53 -2.30
C ILE B 395 0.73 -6.45 -2.54
N ASP B 396 0.04 -5.57 -1.82
CA ASP B 396 -1.40 -5.41 -2.09
C ASP B 396 -1.67 -4.88 -3.52
N VAL B 397 -0.81 -3.98 -3.98
CA VAL B 397 -0.93 -3.47 -5.35
C VAL B 397 -0.70 -4.57 -6.37
N LEU B 398 0.31 -5.40 -6.14
CA LEU B 398 0.58 -6.53 -7.02
C LEU B 398 -0.53 -7.60 -6.93
N SER B 399 -1.14 -7.74 -5.76
CA SER B 399 -2.32 -8.61 -5.61
C SER B 399 -3.46 -8.15 -6.52
N MET B 400 -3.74 -6.85 -6.54
CA MET B 400 -4.75 -6.30 -7.44
C MET B 400 -4.39 -6.45 -8.92
N ALA B 401 -3.10 -6.31 -9.24
CA ALA B 401 -2.61 -6.52 -10.61
C ALA B 401 -2.88 -7.95 -11.10
N MET B 402 -2.55 -8.92 -10.26
CA MET B 402 -2.75 -10.33 -10.60
C MET B 402 -4.21 -10.71 -10.72
N MET B 403 -5.02 -10.06 -9.89
CA MET B 403 -6.47 -10.24 -9.95
C MET B 403 -6.94 -9.90 -11.37
N ASN B 404 -6.26 -8.91 -11.96
CA ASN B 404 -6.63 -8.42 -13.28
C ASN B 404 -5.75 -8.92 -14.43
N GLN B 405 -4.98 -9.98 -14.17
CA GLN B 405 -4.22 -10.66 -15.22
C GLN B 405 -3.23 -9.75 -15.91
N LEU B 406 -2.66 -8.82 -15.16
CA LEU B 406 -1.74 -7.83 -15.70
C LEU B 406 -0.43 -8.50 -16.09
N THR B 407 0.25 -7.96 -17.09
CA THR B 407 1.57 -8.47 -17.43
C THR B 407 2.64 -7.69 -16.69
N VAL B 408 3.84 -8.28 -16.65
CA VAL B 408 4.93 -7.67 -15.92
C VAL B 408 5.26 -6.32 -16.59
N ASP B 409 5.11 -6.28 -17.91
CA ASP B 409 5.50 -5.10 -18.67
C ASP B 409 4.52 -3.95 -18.37
N GLU B 410 3.27 -4.30 -18.10
CA GLU B 410 2.25 -3.29 -17.81
C GLU B 410 2.50 -2.55 -16.49
N LEU B 411 3.41 -3.06 -15.66
CA LEU B 411 3.70 -2.42 -14.37
C LEU B 411 4.34 -1.04 -14.55
N THR B 412 4.86 -0.77 -15.75
CA THR B 412 5.36 0.56 -16.08
C THR B 412 4.23 1.59 -16.05
N GLU B 413 2.99 1.11 -16.14
CA GLU B 413 1.84 1.99 -16.30
C GLU B 413 1.16 2.29 -14.99
N PHE B 414 1.59 1.60 -13.94
CA PHE B 414 1.02 1.80 -12.61
C PHE B 414 1.28 3.23 -12.15
N GLU B 415 0.21 4.00 -11.99
CA GLU B 415 0.34 5.38 -11.57
C GLU B 415 0.29 5.42 -10.06
N VAL B 416 1.46 5.55 -9.47
CA VAL B 416 1.61 5.56 -8.02
C VAL B 416 1.23 6.92 -7.46
N ALA B 417 0.82 6.93 -6.20
CA ALA B 417 0.62 8.16 -5.48
C ALA B 417 1.97 8.61 -4.92
N TYR B 418 2.52 9.70 -5.48
CA TYR B 418 3.86 10.15 -5.09
C TYR B 418 3.99 11.49 -4.39
N ALA B 419 4.63 11.45 -3.22
CA ALA B 419 5.23 12.60 -2.56
C ALA B 419 6.41 12.02 -1.78
N PRO B 420 7.37 12.86 -1.35
CA PRO B 420 8.59 12.31 -0.73
C PRO B 420 8.43 11.28 0.42
N PRO B 421 7.44 11.44 1.30
CA PRO B 421 7.33 10.45 2.39
C PRO B 421 6.79 9.07 1.97
N TYR B 422 6.42 8.89 0.70
CA TYR B 422 5.62 7.71 0.36
C TYR B 422 6.22 6.77 -0.67
N SER B 423 6.94 7.32 -1.64
CA SER B 423 7.43 6.51 -2.76
CA SER B 423 7.34 6.57 -2.82
C SER B 423 8.41 7.29 -3.64
N HIS B 424 8.44 6.98 -4.94
CA HIS B 424 9.32 7.60 -5.94
C HIS B 424 8.51 7.90 -7.20
N PRO B 425 8.94 8.89 -8.00
CA PRO B 425 8.29 9.17 -9.29
C PRO B 425 8.18 7.94 -10.20
N LYS B 426 9.25 7.13 -10.27
CA LYS B 426 9.11 5.77 -10.80
C LYS B 426 9.21 4.84 -9.61
N ASP B 427 8.08 4.27 -9.18
CA ASP B 427 8.07 3.49 -7.96
C ASP B 427 8.80 2.16 -8.19
N LEU B 428 9.10 1.47 -7.10
CA LEU B 428 9.70 0.14 -7.17
C LEU B 428 8.88 -0.75 -8.10
N ILE B 429 7.58 -0.57 -8.07
CA ILE B 429 6.69 -1.37 -8.92
C ILE B 429 6.90 -1.01 -10.39
N ASN B 430 7.01 0.28 -10.68
CA ASN B 430 7.33 0.72 -12.03
C ASN B 430 8.69 0.18 -12.50
N MET B 431 9.68 0.22 -11.62
CA MET B 431 11.03 -0.23 -11.97
C MET B 431 11.09 -1.72 -12.29
N ILE B 432 10.25 -2.51 -11.64
CA ILE B 432 10.11 -3.92 -12.00
C ILE B 432 9.73 -4.02 -13.46
N GLY B 433 8.76 -3.19 -13.88
CA GLY B 433 8.32 -3.19 -15.26
C GLY B 433 9.39 -2.79 -16.26
N TYR B 434 10.12 -1.73 -15.95
CA TYR B 434 11.20 -1.28 -16.83
C TYR B 434 12.32 -2.32 -16.95
N LYS B 435 12.61 -3.00 -15.84
CA LYS B 435 13.73 -3.95 -15.79
C LYS B 435 13.43 -5.29 -16.45
N ALA B 436 12.17 -5.54 -16.73
CA ALA B 436 11.76 -6.78 -17.38
C ALA B 436 11.93 -6.70 -18.90
N LYS B 437 12.28 -5.52 -19.39
CA LYS B 437 12.38 -5.26 -20.84
C LYS B 437 13.50 -6.03 -21.54
#